data_4MNG
#
_entry.id   4MNG
#
_cell.length_a   229.333
_cell.length_b   229.333
_cell.length_c   52.646
_cell.angle_alpha   90.00
_cell.angle_beta   90.00
_cell.angle_gamma   120.00
#
_symmetry.space_group_name_H-M   'P 32'
#
loop_
_entity.id
_entity.type
_entity.pdbx_description
1 polymer Beta-2-microglobulin
2 polymer 'Cd1d1 protein'
3 polymer 'TRA@ protein,TRA@ protein, Ti antigen CD3-associated protein gamma chain V-J-C region'
4 non-polymer 2-acetamido-2-deoxy-beta-D-glucopyranose
5 non-polymer (15Z)-N-((1S,2R,3E)-2-HYDROXY-1-{[(3-O-SULFO-BETA-D-GALACTOPYRANOSYL)OXY]METHYL}HEPTADEC-3-ENYL)TETRACOS-15-ENAMIDE
6 water water
#
loop_
_entity_poly.entity_id
_entity_poly.type
_entity_poly.pdbx_seq_one_letter_code
_entity_poly.pdbx_strand_id
1 'polypeptide(L)'
;IQKTPQIQVYSRHPPENGKPNILNCYVTQFHPPHIEIQMLKNGKKIPKVEMSDMSFSKDWSFYILAHTEFTPTETDTYAC
RVKHASMAEPKTVYWDRDM
;
B,D
2 'polypeptide(L)'
;ADPVPQRLFPLRCLQISSFANSSWTRTDGLAWLGELQTHSWSNDSDTVRSLKPWSQGTFSDQQWETLQHIFRVYRSSFTR
DVKEFAKMLRLSYPLELQVSAGCEVHPGNASNNFFHVAFQGKDILSFQGTSWEPTQEAPLWVNLAIQVLNQDKWTRETVQ
WLLNGTCPQFVSGLLESGKSELKKQEKPVAWLSSVPSSAHGHRQLVCHVSGFYPKPVWVMWMRGDQEQQGTHRGDFLPNA
DETWYLQATLDVEAGEEAGLACRVKHSSLGGQDIILYWSGR
;
A,C
3 'polypeptide(L)'
;AQKVTQAQSSVSMPVRKAVTLNCLYETSWWSYYIFWYKQLPSKEMIFLIRQGSDEQNAKSGRYSVNFKKAAKSVALTISA
LQLEDSAKYFCALGEPSYWGFPRTTRVIFGKGTRVTVEPGGGGSGGGGSGGGGSGGGGSSSNLEGRTKSVIRQTGSSAEI
TCDLAEGSTGYIHWYLHQEGKAPQRLLYYDSYTSSVVLESGISPGKYDTYGSTRKNLRMILRNLIENDSGVYYCATWDEK
YYKKLFGSGTKLIITDAASGAD
;
E,F
#
# COMPACT_ATOMS: atom_id res chain seq x y z
N ILE A 1 17.57 40.72 4.96
CA ILE A 1 16.94 39.85 5.94
C ILE A 1 16.99 38.38 5.50
N GLN A 2 17.62 38.13 4.35
CA GLN A 2 17.77 36.78 3.85
C GLN A 2 19.17 36.27 4.15
N LYS A 3 19.25 35.10 4.76
CA LYS A 3 20.54 34.55 5.14
C LYS A 3 21.02 33.50 4.13
N THR A 4 22.30 33.56 3.78
CA THR A 4 22.88 32.65 2.80
C THR A 4 23.22 31.30 3.43
N PRO A 5 22.74 30.20 2.82
CA PRO A 5 22.92 28.86 3.37
C PRO A 5 24.38 28.39 3.33
N GLN A 6 24.76 27.63 4.35
CA GLN A 6 26.09 27.03 4.41
C GLN A 6 26.00 25.52 4.24
N ILE A 7 26.74 25.00 3.26
CA ILE A 7 26.66 23.59 2.92
C ILE A 7 27.90 22.82 3.39
N GLN A 8 27.67 21.64 3.97
CA GLN A 8 28.76 20.77 4.41
C GLN A 8 28.49 19.33 4.02
N VAL A 9 29.42 18.73 3.28
CA VAL A 9 29.27 17.35 2.84
C VAL A 9 30.26 16.45 3.55
N TYR A 10 29.76 15.32 4.07
CA TYR A 10 30.60 14.38 4.80
C TYR A 10 30.00 12.97 4.78
N SER A 11 30.83 11.98 5.09
CA SER A 11 30.40 10.59 5.03
C SER A 11 30.15 10.00 6.42
N ARG A 12 29.18 9.10 6.51
CA ARG A 12 28.82 8.47 7.77
C ARG A 12 29.91 7.52 8.26
N HIS A 13 30.51 6.79 7.33
CA HIS A 13 31.51 5.78 7.66
C HIS A 13 32.84 6.10 6.97
N PRO A 14 33.94 5.50 7.43
CA PRO A 14 35.23 5.72 6.75
C PRO A 14 35.15 5.40 5.26
N PRO A 15 35.60 6.34 4.41
CA PRO A 15 35.44 6.24 2.96
C PRO A 15 36.49 5.35 2.27
N GLU A 16 36.29 4.04 2.32
CA GLU A 16 37.14 3.12 1.58
C GLU A 16 36.41 2.60 0.35
N ASN A 17 37.13 2.59 -0.78
CA ASN A 17 36.54 2.29 -2.08
C ASN A 17 35.94 0.89 -2.21
N GLY A 18 34.78 0.81 -2.86
CA GLY A 18 34.12 -0.45 -3.09
C GLY A 18 33.13 -0.84 -2.01
N LYS A 19 33.31 -0.26 -0.83
CA LYS A 19 32.44 -0.54 0.31
C LYS A 19 31.27 0.43 0.37
N PRO A 20 30.06 -0.09 0.63
CA PRO A 20 28.85 0.74 0.74
C PRO A 20 28.91 1.74 1.89
N ASN A 21 28.42 2.95 1.66
CA ASN A 21 28.47 4.00 2.66
C ASN A 21 27.25 4.93 2.57
N ILE A 22 27.20 5.94 3.43
CA ILE A 22 26.12 6.93 3.41
C ILE A 22 26.68 8.34 3.34
N LEU A 23 26.21 9.11 2.36
CA LEU A 23 26.70 10.48 2.19
C LEU A 23 25.74 11.51 2.77
N ASN A 24 26.22 12.31 3.71
CA ASN A 24 25.41 13.33 4.36
C ASN A 24 25.62 14.71 3.75
N CYS A 25 24.53 15.45 3.57
CA CYS A 25 24.60 16.84 3.15
C CYS A 25 23.87 17.73 4.14
N TYR A 26 24.61 18.62 4.80
CA TYR A 26 24.08 19.39 5.92
C TYR A 26 24.01 20.88 5.57
N VAL A 27 22.79 21.39 5.42
CA VAL A 27 22.58 22.79 5.06
C VAL A 27 22.07 23.59 6.25
N THR A 28 22.73 24.72 6.52
CA THR A 28 22.44 25.53 7.70
C THR A 28 22.43 27.03 7.40
N GLN A 29 21.95 27.80 8.39
CA GLN A 29 22.05 29.26 8.38
C GLN A 29 21.36 29.92 7.20
N PHE A 30 20.14 29.49 6.89
CA PHE A 30 19.39 30.09 5.79
C PHE A 30 17.98 30.51 6.22
N HIS A 31 17.35 31.32 5.38
CA HIS A 31 16.03 31.89 5.64
C HIS A 31 15.64 32.70 4.41
N PRO A 32 14.38 32.59 3.95
CA PRO A 32 13.22 31.82 4.43
C PRO A 32 13.39 30.30 4.32
N PRO A 33 12.56 29.51 5.02
CA PRO A 33 12.74 28.06 5.02
C PRO A 33 12.21 27.38 3.77
N HIS A 34 12.59 27.88 2.60
CA HIS A 34 12.22 27.26 1.34
C HIS A 34 13.47 27.06 0.52
N ILE A 35 13.82 25.79 0.30
CA ILE A 35 15.12 25.48 -0.27
C ILE A 35 15.04 24.22 -1.13
N GLU A 36 15.82 24.19 -2.21
CA GLU A 36 15.89 23.02 -3.06
C GLU A 36 17.28 22.38 -2.92
N ILE A 37 17.30 21.09 -2.63
CA ILE A 37 18.55 20.38 -2.40
C ILE A 37 18.63 19.11 -3.25
N GLN A 38 19.66 19.04 -4.08
CA GLN A 38 19.91 17.87 -4.90
C GLN A 38 21.29 17.30 -4.62
N MET A 39 21.40 15.98 -4.59
CA MET A 39 22.70 15.34 -4.47
C MET A 39 23.10 14.75 -5.82
N LEU A 40 24.33 15.01 -6.23
CA LEU A 40 24.77 14.67 -7.58
C LEU A 40 25.92 13.67 -7.61
N LYS A 41 25.76 12.63 -8.43
CA LYS A 41 26.84 11.70 -8.72
C LYS A 41 27.30 11.91 -10.16
N ASN A 42 28.53 12.38 -10.31
CA ASN A 42 29.12 12.67 -11.63
C ASN A 42 28.31 13.70 -12.41
N GLY A 43 27.65 14.60 -11.68
CA GLY A 43 26.89 15.67 -12.32
C GLY A 43 25.43 15.33 -12.56
N LYS A 44 25.05 14.09 -12.27
CA LYS A 44 23.69 13.64 -12.49
C LYS A 44 22.92 13.51 -11.16
N LYS A 45 21.62 13.80 -11.21
CA LYS A 45 20.78 13.75 -10.02
C LYS A 45 20.59 12.32 -9.49
N ILE A 46 20.77 12.16 -8.19
CA ILE A 46 20.50 10.87 -7.54
C ILE A 46 19.01 10.77 -7.24
N PRO A 47 18.36 9.72 -7.76
CA PRO A 47 16.89 9.57 -7.66
C PRO A 47 16.36 9.51 -6.24
N LYS A 48 17.00 8.72 -5.37
CA LYS A 48 16.51 8.57 -4.00
C LYS A 48 17.39 9.29 -2.98
N VAL A 49 16.86 10.36 -2.42
CA VAL A 49 17.53 11.11 -1.37
C VAL A 49 16.57 11.35 -0.21
N GLU A 50 16.88 10.78 0.95
CA GLU A 50 16.06 10.97 2.14
C GLU A 50 16.41 12.29 2.81
N MET A 51 15.42 12.95 3.41
CA MET A 51 15.66 14.20 4.11
C MET A 51 14.92 14.26 5.45
N SER A 52 15.56 14.92 6.41
CA SER A 52 14.98 15.12 7.73
C SER A 52 13.89 16.19 7.67
N ASP A 53 13.01 16.19 8.68
CA ASP A 53 12.09 17.29 8.87
C ASP A 53 12.90 18.55 9.15
N MET A 54 12.57 19.63 8.45
CA MET A 54 13.32 20.87 8.61
C MET A 54 13.11 21.46 10.00
N SER A 55 14.22 21.85 10.63
CA SER A 55 14.19 22.41 11.97
C SER A 55 14.90 23.76 11.99
N PHE A 56 15.03 24.36 13.16
CA PHE A 56 15.82 25.59 13.30
C PHE A 56 16.50 25.67 14.66
N SER A 57 17.59 26.42 14.72
CA SER A 57 18.35 26.59 15.95
C SER A 57 17.76 27.71 16.81
N LYS A 58 18.46 28.03 17.91
CA LYS A 58 17.98 29.04 18.85
C LYS A 58 18.01 30.44 18.24
N ASP A 59 18.79 30.61 17.19
CA ASP A 59 18.89 31.90 16.51
C ASP A 59 17.87 32.00 15.38
N TRP A 60 17.00 30.99 15.31
CA TRP A 60 15.87 30.92 14.37
C TRP A 60 16.28 30.57 12.94
N SER A 61 17.58 30.43 12.69
CA SER A 61 18.06 30.04 11.38
C SER A 61 17.76 28.56 11.14
N PHE A 62 17.24 28.25 9.94
CA PHE A 62 16.82 26.90 9.62
C PHE A 62 17.99 25.99 9.25
N TYR A 63 17.80 24.68 9.46
CA TYR A 63 18.78 23.69 9.02
C TYR A 63 18.06 22.41 8.61
N ILE A 64 18.68 21.66 7.71
CA ILE A 64 18.11 20.40 7.24
C ILE A 64 19.22 19.43 6.83
N LEU A 65 18.97 18.13 7.00
CA LEU A 65 19.97 17.12 6.67
C LEU A 65 19.51 16.19 5.56
N ALA A 66 20.26 16.18 4.45
CA ALA A 66 19.99 15.29 3.33
C ALA A 66 21.02 14.16 3.31
N HIS A 67 20.56 12.94 3.05
CA HIS A 67 21.47 11.79 3.00
C HIS A 67 21.03 10.75 1.97
N THR A 68 22.01 10.00 1.47
CA THR A 68 21.74 8.95 0.49
C THR A 68 22.82 7.86 0.51
N GLU A 69 22.47 6.68 0.00
CA GLU A 69 23.42 5.59 -0.13
C GLU A 69 24.38 5.86 -1.29
N PHE A 70 25.67 5.59 -1.08
CA PHE A 70 26.64 5.68 -2.16
C PHE A 70 27.83 4.75 -1.92
N THR A 71 28.46 4.32 -3.01
CA THR A 71 29.71 3.56 -2.93
C THR A 71 30.83 4.36 -3.58
N PRO A 72 31.77 4.86 -2.77
CA PRO A 72 32.85 5.70 -3.28
C PRO A 72 33.86 4.92 -4.12
N THR A 73 34.29 5.54 -5.22
CA THR A 73 35.35 4.98 -6.06
C THR A 73 36.39 6.06 -6.33
N GLU A 74 37.36 5.76 -7.18
CA GLU A 74 38.39 6.72 -7.54
C GLU A 74 37.89 7.73 -8.55
N THR A 75 37.14 7.26 -9.54
CA THR A 75 36.63 8.10 -10.62
C THR A 75 35.42 8.92 -10.20
N ASP A 76 34.48 8.28 -9.53
CA ASP A 76 33.19 8.89 -9.19
C ASP A 76 33.33 10.14 -8.33
N THR A 77 32.60 11.18 -8.70
CA THR A 77 32.54 12.41 -7.91
C THR A 77 31.15 12.59 -7.33
N TYR A 78 31.08 13.12 -6.12
CA TYR A 78 29.80 13.35 -5.45
C TYR A 78 29.69 14.81 -5.00
N ALA A 79 28.53 15.41 -5.23
CA ALA A 79 28.33 16.82 -4.89
C ALA A 79 26.95 17.07 -4.31
N CYS A 80 26.79 18.24 -3.70
CA CYS A 80 25.51 18.66 -3.16
C CYS A 80 25.14 20.04 -3.70
N ARG A 81 24.04 20.11 -4.43
CA ARG A 81 23.63 21.34 -5.10
C ARG A 81 22.42 21.95 -4.39
N VAL A 82 22.52 23.23 -4.07
CA VAL A 82 21.48 23.91 -3.30
C VAL A 82 20.99 25.19 -4.00
N LYS A 83 19.69 25.25 -4.24
CA LYS A 83 19.06 26.44 -4.80
C LYS A 83 18.25 27.16 -3.73
N HIS A 84 18.58 28.43 -3.49
CA HIS A 84 17.89 29.21 -2.46
C HIS A 84 17.72 30.66 -2.92
N ALA A 85 16.69 31.31 -2.39
CA ALA A 85 16.33 32.68 -2.80
C ALA A 85 17.43 33.70 -2.51
N SER A 86 18.28 33.42 -1.52
CA SER A 86 19.32 34.35 -1.12
C SER A 86 20.50 34.34 -2.07
N MET A 87 20.50 33.38 -3.00
CA MET A 87 21.58 33.25 -3.97
C MET A 87 21.05 33.38 -5.39
N ALA A 88 21.80 34.08 -6.25
CA ALA A 88 21.40 34.24 -7.64
C ALA A 88 21.55 32.91 -8.39
N GLU A 89 22.71 32.28 -8.25
CA GLU A 89 22.96 31.01 -8.90
C GLU A 89 23.13 29.91 -7.85
N PRO A 90 22.61 28.70 -8.14
CA PRO A 90 22.69 27.57 -7.22
C PRO A 90 24.13 27.20 -6.87
N LYS A 91 24.40 27.05 -5.57
CA LYS A 91 25.76 26.75 -5.11
C LYS A 91 25.97 25.25 -4.98
N THR A 92 27.09 24.77 -5.52
CA THR A 92 27.41 23.35 -5.50
C THR A 92 28.67 23.10 -4.69
N VAL A 93 28.61 22.15 -3.77
CA VAL A 93 29.76 21.77 -2.96
C VAL A 93 30.11 20.31 -3.20
N TYR A 94 31.36 20.06 -3.59
CA TYR A 94 31.81 18.71 -3.92
C TYR A 94 32.39 17.99 -2.71
N TRP A 95 32.06 16.71 -2.59
CA TRP A 95 32.59 15.89 -1.51
C TRP A 95 34.09 15.69 -1.69
N ASP A 96 34.84 15.96 -0.63
CA ASP A 96 36.28 15.74 -0.65
C ASP A 96 36.65 14.73 0.42
N ARG A 97 37.17 13.58 -0.03
CA ARG A 97 37.49 12.46 0.83
C ARG A 97 38.48 12.83 1.94
N ASP A 98 39.41 13.72 1.64
CA ASP A 98 40.46 14.09 2.57
C ASP A 98 40.04 15.18 3.55
N MET A 99 38.92 15.85 3.27
CA MET A 99 38.44 16.91 4.15
C MET A 99 37.73 16.32 5.38
N ARG B 7 23.56 16.21 31.52
CA ARG B 7 22.43 15.30 31.49
C ARG B 7 21.10 16.06 31.58
N LEU B 8 20.84 16.89 30.58
CA LEU B 8 19.61 17.68 30.54
C LEU B 8 18.76 17.36 29.31
N PHE B 9 17.48 17.06 29.55
CA PHE B 9 16.56 16.74 28.47
C PHE B 9 15.36 17.69 28.45
N PRO B 10 15.56 18.90 27.89
CA PRO B 10 14.43 19.81 27.71
C PRO B 10 13.56 19.41 26.52
N LEU B 11 12.28 19.73 26.57
CA LEU B 11 11.37 19.46 25.46
C LEU B 11 11.19 20.70 24.61
N ARG B 12 11.62 20.63 23.35
CA ARG B 12 11.43 21.74 22.42
C ARG B 12 10.36 21.40 21.39
N CYS B 13 9.28 22.17 21.41
CA CYS B 13 8.23 22.04 20.40
C CYS B 13 8.35 23.18 19.41
N LEU B 14 8.69 22.85 18.17
CA LEU B 14 8.94 23.87 17.16
C LEU B 14 7.80 23.95 16.15
N GLN B 15 7.57 25.15 15.63
CA GLN B 15 6.54 25.36 14.62
C GLN B 15 7.05 26.24 13.49
N ILE B 16 6.89 25.77 12.27
CA ILE B 16 7.26 26.57 11.11
C ILE B 16 6.01 26.85 10.27
N SER B 17 5.62 28.12 10.22
CA SER B 17 4.43 28.53 9.48
C SER B 17 4.79 29.52 8.38
N SER B 18 4.56 29.12 7.14
CA SER B 18 4.87 29.98 6.00
C SER B 18 3.61 30.44 5.28
N PHE B 19 3.55 31.73 5.00
CA PHE B 19 2.49 32.28 4.16
C PHE B 19 3.13 32.95 2.95
N ALA B 20 2.97 32.34 1.77
CA ALA B 20 3.54 32.89 0.56
C ALA B 20 2.68 34.01 0.02
N ASN B 21 1.38 33.74 0.01
CA ASN B 21 0.36 34.65 -0.48
C ASN B 21 -0.99 34.31 0.12
N SER B 22 -2.00 35.12 -0.14
CA SER B 22 -3.32 34.91 0.46
C SER B 22 -3.81 33.48 0.22
N SER B 23 -3.39 32.90 -0.90
CA SER B 23 -3.81 31.56 -1.29
C SER B 23 -3.02 30.42 -0.64
N TRP B 24 -1.70 30.57 -0.54
CA TRP B 24 -0.81 29.47 -0.18
C TRP B 24 -0.22 29.59 1.23
N THR B 25 -0.49 28.60 2.07
CA THR B 25 0.05 28.59 3.43
C THR B 25 0.38 27.17 3.94
N ARG B 26 1.54 27.03 4.57
CA ARG B 26 1.93 25.77 5.23
C ARG B 26 2.18 25.96 6.71
N THR B 27 1.84 24.96 7.51
CA THR B 27 2.22 24.93 8.92
C THR B 27 2.72 23.54 9.31
N ASP B 28 3.99 23.44 9.71
CA ASP B 28 4.57 22.18 10.10
C ASP B 28 5.26 22.29 11.47
N GLY B 29 5.47 21.16 12.13
CA GLY B 29 6.04 21.18 13.46
C GLY B 29 6.86 19.97 13.87
N LEU B 30 7.71 20.18 14.87
CA LEU B 30 8.60 19.14 15.40
C LEU B 30 8.55 19.13 16.92
N ALA B 31 8.95 18.02 17.52
CA ALA B 31 9.17 17.97 18.96
C ALA B 31 10.47 17.24 19.28
N TRP B 32 11.40 17.94 19.93
CA TRP B 32 12.66 17.33 20.35
C TRP B 32 12.67 17.08 21.85
N LEU B 33 13.06 15.88 22.25
CA LEU B 33 13.43 15.64 23.65
C LEU B 33 14.94 15.45 23.69
N GLY B 34 15.64 16.43 24.23
CA GLY B 34 17.09 16.44 24.14
C GLY B 34 17.51 16.58 22.69
N GLU B 35 18.33 15.64 22.23
CA GLU B 35 18.81 15.66 20.84
C GLU B 35 17.97 14.77 19.93
N LEU B 36 16.98 14.07 20.50
CA LEU B 36 16.17 13.13 19.75
C LEU B 36 14.80 13.69 19.38
N GLN B 37 14.38 13.50 18.13
CA GLN B 37 13.08 13.97 17.69
C GLN B 37 12.00 12.94 18.00
N THR B 38 11.06 13.32 18.87
CA THR B 38 10.01 12.39 19.32
C THR B 38 8.70 12.50 18.56
N HIS B 39 8.54 13.55 17.76
CA HIS B 39 7.25 13.81 17.10
C HIS B 39 7.42 14.55 15.78
N SER B 40 6.44 14.39 14.90
CA SER B 40 6.43 15.10 13.62
C SER B 40 5.00 15.54 13.28
N TRP B 41 4.87 16.79 12.83
CA TRP B 41 3.56 17.36 12.51
C TRP B 41 3.54 17.96 11.12
N SER B 42 2.74 17.37 10.23
CA SER B 42 2.70 17.82 8.83
C SER B 42 1.39 18.52 8.48
N ASN B 43 1.49 19.51 7.59
CA ASN B 43 0.32 20.24 7.09
C ASN B 43 -0.66 19.29 6.41
N ASP B 44 -0.13 18.21 5.84
CA ASP B 44 -0.93 17.22 5.13
C ASP B 44 -1.66 16.29 6.07
N SER B 45 -1.14 16.14 7.29
CA SER B 45 -1.67 15.20 8.26
C SER B 45 -2.68 15.84 9.21
N ASP B 46 -3.68 15.06 9.60
CA ASP B 46 -4.72 15.54 10.51
C ASP B 46 -4.32 15.36 11.98
N THR B 47 -3.22 14.65 12.21
CA THR B 47 -2.74 14.39 13.57
C THR B 47 -1.23 14.52 13.69
N VAL B 48 -0.74 14.55 14.94
CA VAL B 48 0.69 14.58 15.21
C VAL B 48 1.25 13.15 15.25
N ARG B 49 2.26 12.89 14.43
CA ARG B 49 2.83 11.54 14.31
C ARG B 49 3.91 11.27 15.37
N SER B 50 3.81 10.11 16.00
CA SER B 50 4.79 9.71 17.01
C SER B 50 5.94 8.93 16.39
N LEU B 51 7.16 9.41 16.59
CA LEU B 51 8.34 8.81 15.97
C LEU B 51 8.98 7.71 16.81
N LYS B 52 8.58 7.60 18.06
CA LYS B 52 9.19 6.62 18.97
C LYS B 52 8.12 5.86 19.73
N PRO B 53 8.44 4.62 20.14
CA PRO B 53 7.50 3.82 20.95
C PRO B 53 7.10 4.51 22.25
N TRP B 54 8.02 5.29 22.79
CA TRP B 54 7.79 5.98 24.06
C TRP B 54 7.31 7.43 23.89
N SER B 55 7.07 7.85 22.65
CA SER B 55 6.70 9.24 22.35
C SER B 55 5.47 9.72 23.12
N GLN B 56 4.57 8.81 23.45
CA GLN B 56 3.35 9.17 24.16
C GLN B 56 3.59 9.20 25.66
N GLY B 57 4.73 8.68 26.08
CA GLY B 57 5.10 8.65 27.49
C GLY B 57 4.14 7.81 28.31
N THR B 58 3.74 8.34 29.47
CA THR B 58 2.81 7.64 30.34
C THR B 58 1.37 8.11 30.15
N PHE B 59 1.17 9.04 29.22
CA PHE B 59 -0.16 9.57 28.94
C PHE B 59 -1.08 8.48 28.39
N SER B 60 -2.34 8.50 28.81
CA SER B 60 -3.32 7.57 28.28
C SER B 60 -3.75 7.99 26.87
N ASP B 61 -4.60 7.19 26.25
CA ASP B 61 -5.09 7.52 24.90
C ASP B 61 -6.03 8.72 24.97
N GLN B 62 -6.80 8.81 26.04
CA GLN B 62 -7.72 9.92 26.24
C GLN B 62 -6.94 11.22 26.39
N GLN B 63 -5.86 11.17 27.17
CA GLN B 63 -5.00 12.33 27.38
C GLN B 63 -4.37 12.79 26.07
N TRP B 64 -3.89 11.84 25.28
CA TRP B 64 -3.22 12.15 24.03
C TRP B 64 -4.21 12.66 22.98
N GLU B 65 -5.45 12.20 23.09
CA GLU B 65 -6.52 12.65 22.18
C GLU B 65 -6.93 14.07 22.52
N THR B 66 -6.92 14.41 23.81
CA THR B 66 -7.22 15.77 24.24
C THR B 66 -6.20 16.75 23.68
N LEU B 67 -4.92 16.38 23.75
CA LEU B 67 -3.86 17.19 23.18
C LEU B 67 -4.00 17.27 21.66
N GLN B 68 -4.30 16.14 21.05
CA GLN B 68 -4.45 16.07 19.60
C GLN B 68 -5.53 17.02 19.09
N HIS B 69 -6.63 17.10 19.84
CA HIS B 69 -7.73 17.99 19.52
C HIS B 69 -7.28 19.45 19.54
N ILE B 70 -6.60 19.83 20.62
CA ILE B 70 -6.13 21.20 20.83
C ILE B 70 -5.25 21.68 19.68
N PHE B 71 -4.25 20.87 19.33
CA PHE B 71 -3.32 21.24 18.26
C PHE B 71 -4.04 21.37 16.92
N ARG B 72 -5.02 20.50 16.68
CA ARG B 72 -5.78 20.52 15.44
C ARG B 72 -6.58 21.80 15.31
N VAL B 73 -7.20 22.21 16.41
CA VAL B 73 -7.95 23.47 16.47
C VAL B 73 -6.99 24.66 16.40
N TYR B 74 -5.86 24.54 17.07
CA TYR B 74 -4.86 25.61 17.13
C TYR B 74 -4.35 25.99 15.73
N ARG B 75 -4.01 24.99 14.93
CA ARG B 75 -3.45 25.23 13.61
C ARG B 75 -4.43 25.96 12.70
N SER B 76 -5.71 25.59 12.79
CA SER B 76 -6.75 26.22 11.98
C SER B 76 -6.91 27.70 12.34
N SER B 77 -7.08 27.96 13.63
CA SER B 77 -7.30 29.32 14.12
C SER B 77 -6.09 30.22 13.86
N PHE B 78 -4.91 29.69 14.15
CA PHE B 78 -3.67 30.43 13.93
C PHE B 78 -3.56 30.95 12.51
N THR B 79 -3.84 30.08 11.54
CA THR B 79 -3.77 30.45 10.14
C THR B 79 -4.83 31.50 9.79
N ARG B 80 -6.01 31.35 10.38
CA ARG B 80 -7.10 32.29 10.15
C ARG B 80 -6.80 33.65 10.76
N ASP B 81 -6.33 33.62 12.01
CA ASP B 81 -6.03 34.84 12.75
C ASP B 81 -4.92 35.66 12.11
N VAL B 82 -3.84 34.99 11.73
CA VAL B 82 -2.69 35.66 11.12
C VAL B 82 -3.06 36.32 9.79
N LYS B 83 -3.82 35.61 8.97
CA LYS B 83 -4.20 36.11 7.65
C LYS B 83 -5.08 37.37 7.75
N GLU B 84 -5.99 37.38 8.71
CA GLU B 84 -6.87 38.52 8.91
C GLU B 84 -6.12 39.68 9.56
N PHE B 85 -5.24 39.37 10.51
CA PHE B 85 -4.44 40.36 11.20
C PHE B 85 -3.49 41.06 10.23
N ALA B 86 -2.94 40.29 9.31
CA ALA B 86 -2.06 40.83 8.27
C ALA B 86 -2.83 41.77 7.35
N LYS B 87 -4.09 41.43 7.09
CA LYS B 87 -4.93 42.21 6.20
C LYS B 87 -5.28 43.56 6.83
N MET B 88 -5.54 43.55 8.14
CA MET B 88 -5.87 44.76 8.87
C MET B 88 -4.72 45.76 8.89
N LEU B 89 -3.49 45.25 8.98
CA LEU B 89 -2.31 46.10 9.08
C LEU B 89 -1.64 46.38 7.74
N ARG B 90 -2.21 45.83 6.66
CA ARG B 90 -1.60 45.91 5.33
C ARG B 90 -0.15 45.40 5.36
N LEU B 91 0.06 44.27 6.02
CA LEU B 91 1.37 43.63 6.04
C LEU B 91 1.63 42.93 4.71
N SER B 92 2.85 43.07 4.19
CA SER B 92 3.19 42.53 2.89
C SER B 92 3.67 41.08 2.96
N TYR B 93 3.01 40.21 2.20
CA TYR B 93 3.46 38.82 2.05
C TYR B 93 4.78 38.81 1.27
N PRO B 94 5.60 37.76 1.46
CA PRO B 94 5.41 36.57 2.28
C PRO B 94 5.59 36.79 3.78
N LEU B 95 4.98 35.92 4.58
CA LEU B 95 5.11 35.96 6.03
C LEU B 95 5.73 34.67 6.54
N GLU B 96 6.72 34.79 7.42
CA GLU B 96 7.34 33.62 8.02
C GLU B 96 7.26 33.69 9.54
N LEU B 97 6.51 32.76 10.12
CA LEU B 97 6.35 32.71 11.57
C LEU B 97 6.94 31.45 12.17
N GLN B 98 7.64 31.60 13.29
CA GLN B 98 8.25 30.48 13.99
C GLN B 98 7.87 30.48 15.46
N VAL B 99 7.56 29.31 15.99
CA VAL B 99 7.22 29.18 17.40
C VAL B 99 8.11 28.14 18.07
N SER B 100 8.72 28.51 19.19
CA SER B 100 9.52 27.60 19.99
C SER B 100 8.97 27.56 21.41
N ALA B 101 8.44 26.41 21.81
CA ALA B 101 7.84 26.28 23.14
C ALA B 101 8.14 24.92 23.76
N GLY B 102 8.07 24.85 25.08
CA GLY B 102 8.29 23.61 25.79
C GLY B 102 8.70 23.86 27.22
N CYS B 103 9.28 22.85 27.86
CA CYS B 103 9.72 22.99 29.25
C CYS B 103 10.85 22.04 29.59
N GLU B 104 11.34 22.14 30.82
CA GLU B 104 12.42 21.29 31.29
C GLU B 104 12.17 20.89 32.75
N VAL B 105 12.33 19.61 33.05
CA VAL B 105 12.08 19.09 34.39
C VAL B 105 13.37 19.07 35.21
N HIS B 106 13.27 19.48 36.47
CA HIS B 106 14.42 19.57 37.35
C HIS B 106 14.29 18.57 38.51
N PRO B 107 15.43 18.13 39.08
CA PRO B 107 15.49 17.10 40.12
C PRO B 107 14.53 17.32 41.30
N GLY B 108 14.24 18.57 41.62
CA GLY B 108 13.41 18.91 42.77
C GLY B 108 11.92 18.96 42.50
N ASN B 109 11.49 18.33 41.42
CA ASN B 109 10.08 18.25 41.00
C ASN B 109 9.62 19.59 40.42
N ALA B 110 10.55 20.54 40.40
CA ALA B 110 10.35 21.86 39.81
C ALA B 110 10.52 21.82 38.30
N SER B 111 10.02 22.83 37.61
CA SER B 111 10.17 22.92 36.16
C SER B 111 10.13 24.37 35.67
N ASN B 112 10.75 24.62 34.54
CA ASN B 112 10.65 25.91 33.88
C ASN B 112 10.20 25.73 32.44
N ASN B 113 9.42 26.67 31.93
CA ASN B 113 8.94 26.58 30.56
C ASN B 113 9.20 27.86 29.76
N PHE B 114 8.87 27.81 28.47
CA PHE B 114 9.09 28.94 27.58
C PHE B 114 8.12 28.90 26.41
N PHE B 115 7.72 30.08 25.94
CA PHE B 115 6.96 30.19 24.69
C PHE B 115 7.51 31.37 23.91
N HIS B 116 8.07 31.12 22.73
CA HIS B 116 8.68 32.18 21.96
C HIS B 116 8.17 32.22 20.53
N VAL B 117 7.89 33.42 20.03
CA VAL B 117 7.42 33.60 18.67
C VAL B 117 8.38 34.52 17.92
N ALA B 118 8.68 34.17 16.67
CA ALA B 118 9.55 34.98 15.84
C ALA B 118 8.88 35.33 14.52
N PHE B 119 9.07 36.56 14.08
CA PHE B 119 8.51 37.03 12.81
C PHE B 119 9.62 37.45 11.87
N GLN B 120 9.69 36.78 10.71
CA GLN B 120 10.73 37.03 9.71
C GLN B 120 12.13 36.85 10.30
N GLY B 121 12.29 35.86 11.18
CA GLY B 121 13.59 35.55 11.72
C GLY B 121 13.96 36.32 12.98
N LYS B 122 13.19 37.36 13.28
CA LYS B 122 13.46 38.19 14.45
C LYS B 122 12.46 37.91 15.57
N ASP B 123 12.93 38.00 16.81
CA ASP B 123 12.04 37.85 17.97
C ASP B 123 11.03 38.98 18.01
N ILE B 124 9.77 38.65 18.28
CA ILE B 124 8.74 39.66 18.44
C ILE B 124 8.13 39.63 19.83
N LEU B 125 7.51 38.52 20.20
CA LEU B 125 6.86 38.39 21.50
C LEU B 125 7.10 37.04 22.14
N SER B 126 6.78 36.94 23.43
CA SER B 126 6.92 35.69 24.16
C SER B 126 5.89 35.62 25.29
N PHE B 127 5.64 34.42 25.79
CA PHE B 127 4.66 34.22 26.85
C PHE B 127 5.34 34.05 28.21
N GLN B 128 5.22 35.06 29.06
CA GLN B 128 5.86 35.05 30.37
C GLN B 128 4.81 35.04 31.45
N GLY B 129 4.79 33.98 32.26
CA GLY B 129 3.84 33.89 33.35
C GLY B 129 2.41 33.77 32.82
N THR B 130 1.57 34.73 33.19
CA THR B 130 0.17 34.71 32.77
C THR B 130 -0.13 35.57 31.55
N SER B 131 0.86 36.25 31.00
CA SER B 131 0.60 37.18 29.90
C SER B 131 1.69 37.22 28.83
N TRP B 132 1.33 37.74 27.66
CA TRP B 132 2.27 37.91 26.56
C TRP B 132 2.99 39.24 26.66
N GLU B 133 4.27 39.25 26.32
CA GLU B 133 5.05 40.50 26.34
C GLU B 133 5.98 40.60 25.13
N PRO B 134 6.11 41.82 24.58
CA PRO B 134 6.95 42.05 23.40
C PRO B 134 8.43 42.14 23.71
N THR B 135 9.27 41.90 22.71
CA THR B 135 10.70 42.15 22.83
C THR B 135 10.94 43.65 22.71
N GLN B 136 12.06 44.14 23.24
CA GLN B 136 12.31 45.58 23.26
C GLN B 136 12.36 46.17 21.85
N GLU B 137 13.01 45.48 20.92
CA GLU B 137 12.90 45.91 19.54
C GLU B 137 11.91 45.01 18.82
N ALA B 138 10.72 45.56 18.59
CA ALA B 138 9.65 44.88 17.88
C ALA B 138 8.83 45.94 17.17
N PRO B 139 8.26 45.60 16.01
CA PRO B 139 7.37 46.56 15.35
C PRO B 139 6.24 46.99 16.27
N LEU B 140 5.82 48.24 16.17
CA LEU B 140 4.84 48.80 17.09
C LEU B 140 3.53 48.03 17.07
N TRP B 141 3.20 47.44 15.91
CA TRP B 141 1.92 46.76 15.75
C TRP B 141 1.84 45.44 16.51
N VAL B 142 2.97 44.96 17.02
CA VAL B 142 3.00 43.72 17.77
C VAL B 142 2.13 43.85 19.01
N ASN B 143 2.10 45.05 19.58
CA ASN B 143 1.31 45.32 20.77
C ASN B 143 -0.20 45.17 20.53
N LEU B 144 -0.63 45.36 19.28
CA LEU B 144 -2.02 45.12 18.91
C LEU B 144 -2.37 43.64 19.06
N ALA B 145 -1.49 42.78 18.55
CA ALA B 145 -1.68 41.35 18.65
C ALA B 145 -1.67 40.88 20.11
N ILE B 146 -0.82 41.50 20.92
CA ILE B 146 -0.66 41.11 22.32
C ILE B 146 -1.88 41.44 23.18
N GLN B 147 -2.45 42.63 23.00
CA GLN B 147 -3.61 43.02 23.80
C GLN B 147 -4.81 42.16 23.44
N VAL B 148 -4.85 41.67 22.21
CA VAL B 148 -5.89 40.75 21.77
C VAL B 148 -5.65 39.37 22.40
N LEU B 149 -4.41 38.91 22.35
CA LEU B 149 -4.04 37.61 22.91
C LEU B 149 -4.24 37.58 24.42
N ASN B 150 -4.09 38.72 25.08
CA ASN B 150 -4.23 38.80 26.53
C ASN B 150 -5.68 38.78 26.98
N GLN B 151 -6.57 39.28 26.13
CA GLN B 151 -8.00 39.29 26.45
C GLN B 151 -8.67 37.98 26.04
N ASP B 152 -7.88 37.06 25.51
CA ASP B 152 -8.39 35.75 25.14
C ASP B 152 -8.19 34.81 26.31
N LYS B 153 -9.28 34.44 26.97
CA LYS B 153 -9.23 33.61 28.16
C LYS B 153 -8.84 32.18 27.81
N TRP B 154 -9.46 31.65 26.76
CA TRP B 154 -9.20 30.29 26.32
C TRP B 154 -7.74 30.09 25.95
N THR B 155 -7.21 30.98 25.12
CA THR B 155 -5.83 30.89 24.68
C THR B 155 -4.86 31.05 25.84
N ARG B 156 -5.09 32.07 26.67
CA ARG B 156 -4.23 32.35 27.81
C ARG B 156 -4.16 31.19 28.80
N GLU B 157 -5.31 30.61 29.13
CA GLU B 157 -5.34 29.53 30.12
C GLU B 157 -4.88 28.19 29.56
N THR B 158 -5.12 27.94 28.29
CA THR B 158 -4.73 26.69 27.66
C THR B 158 -3.21 26.61 27.51
N VAL B 159 -2.61 27.73 27.13
CA VAL B 159 -1.16 27.82 27.02
C VAL B 159 -0.49 27.55 28.37
N GLN B 160 -1.04 28.15 29.42
CA GLN B 160 -0.55 27.90 30.78
C GLN B 160 -0.71 26.42 31.13
N TRP B 161 -1.89 25.87 30.82
CA TRP B 161 -2.20 24.48 31.13
C TRP B 161 -1.24 23.54 30.41
N LEU B 162 -0.91 23.87 29.17
CA LEU B 162 0.06 23.09 28.40
C LEU B 162 1.45 23.20 29.00
N LEU B 163 1.93 24.44 29.14
CA LEU B 163 3.29 24.70 29.60
C LEU B 163 3.52 24.27 31.03
N ASN B 164 2.71 24.79 31.95
CA ASN B 164 2.89 24.46 33.36
C ASN B 164 2.25 23.15 33.81
N GLY B 165 1.01 22.91 33.39
CA GLY B 165 0.27 21.75 33.86
C GLY B 165 0.63 20.43 33.21
N THR B 166 0.69 20.44 31.88
CA THR B 166 0.81 19.21 31.10
C THR B 166 2.26 18.84 30.81
N CYS B 167 2.97 19.72 30.10
CA CYS B 167 4.33 19.46 29.64
C CYS B 167 5.28 18.85 30.69
N PRO B 168 5.30 19.38 31.94
CA PRO B 168 6.20 18.74 32.90
C PRO B 168 5.84 17.29 33.21
N GLN B 169 4.55 16.99 33.30
CA GLN B 169 4.10 15.62 33.51
C GLN B 169 4.40 14.78 32.28
N PHE B 170 4.27 15.39 31.10
CA PHE B 170 4.54 14.73 29.84
C PHE B 170 6.00 14.35 29.71
N VAL B 171 6.88 15.31 29.99
CA VAL B 171 8.32 15.10 29.90
C VAL B 171 8.79 14.04 30.89
N SER B 172 8.24 14.09 32.10
CA SER B 172 8.55 13.10 33.13
C SER B 172 8.22 11.70 32.65
N GLY B 173 7.10 11.57 31.94
CA GLY B 173 6.69 10.30 31.38
C GLY B 173 7.62 9.82 30.28
N LEU B 174 8.08 10.75 29.45
CA LEU B 174 9.00 10.44 28.36
C LEU B 174 10.33 9.91 28.90
N LEU B 175 10.84 10.57 29.94
CA LEU B 175 12.12 10.22 30.52
C LEU B 175 12.09 8.84 31.17
N GLU B 176 10.94 8.48 31.74
CA GLU B 176 10.79 7.19 32.39
C GLU B 176 10.57 6.07 31.37
N SER B 177 9.75 6.35 30.37
CA SER B 177 9.37 5.33 29.39
C SER B 177 10.47 5.11 28.37
N GLY B 178 11.18 6.17 28.02
CA GLY B 178 12.24 6.11 27.04
C GLY B 178 13.63 6.09 27.64
N LYS B 179 13.73 5.68 28.90
CA LYS B 179 14.99 5.73 29.63
C LYS B 179 16.09 4.90 28.96
N SER B 180 15.73 3.72 28.47
CA SER B 180 16.69 2.81 27.85
C SER B 180 17.39 3.43 26.65
N GLU B 181 16.63 4.09 25.79
CA GLU B 181 17.19 4.68 24.57
C GLU B 181 17.89 6.01 24.83
N LEU B 182 17.39 6.79 25.79
CA LEU B 182 17.97 8.09 26.08
C LEU B 182 19.39 8.00 26.66
N LYS B 183 19.66 6.92 27.38
CA LYS B 183 20.95 6.72 28.02
C LYS B 183 21.89 5.85 27.18
N LYS B 184 21.47 5.54 25.95
CA LYS B 184 22.22 4.65 25.07
C LYS B 184 23.63 5.17 24.82
N GLN B 185 24.55 4.24 24.58
CA GLN B 185 25.93 4.58 24.29
C GLN B 185 26.30 4.08 22.90
N GLU B 186 26.81 4.98 22.06
CA GLU B 186 27.20 4.62 20.70
C GLU B 186 28.68 4.92 20.48
N LYS B 187 29.46 3.88 20.21
CA LYS B 187 30.91 4.03 20.07
C LYS B 187 31.30 4.75 18.79
N PRO B 188 32.19 5.74 18.91
CA PRO B 188 32.70 6.47 17.75
C PRO B 188 33.65 5.64 16.90
N VAL B 189 33.86 6.07 15.66
CA VAL B 189 34.80 5.43 14.75
C VAL B 189 35.67 6.50 14.11
N ALA B 190 36.99 6.30 14.14
CA ALA B 190 37.91 7.34 13.69
C ALA B 190 38.73 6.93 12.47
N TRP B 191 39.06 7.92 11.65
CA TRP B 191 39.98 7.72 10.54
C TRP B 191 40.73 9.02 10.24
N LEU B 192 41.91 8.90 9.66
CA LEU B 192 42.79 10.05 9.50
C LEU B 192 42.92 10.48 8.04
N SER B 193 43.17 11.76 7.82
CA SER B 193 43.35 12.30 6.48
C SER B 193 44.28 13.51 6.48
N SER B 194 44.78 13.88 5.31
CA SER B 194 45.68 15.02 5.18
C SER B 194 45.27 15.91 4.01
N VAL B 195 45.34 17.22 4.23
CA VAL B 195 45.01 18.19 3.20
C VAL B 195 46.12 19.25 3.12
N PRO B 196 46.47 19.68 1.89
CA PRO B 196 47.50 20.72 1.72
C PRO B 196 47.15 22.02 2.45
N SER B 197 48.10 22.50 3.25
CA SER B 197 47.90 23.72 4.04
C SER B 197 47.96 24.99 3.21
N SER B 198 47.39 26.06 3.75
CA SER B 198 47.44 27.39 3.12
C SER B 198 48.88 27.86 2.99
N ALA B 199 49.69 27.52 3.98
CA ALA B 199 51.11 27.88 3.99
C ALA B 199 51.92 26.79 3.29
N HIS B 200 52.70 27.18 2.29
CA HIS B 200 53.53 26.25 1.54
C HIS B 200 54.56 25.55 2.43
N GLY B 201 54.80 24.28 2.13
CA GLY B 201 55.72 23.45 2.90
C GLY B 201 55.08 22.89 4.16
N HIS B 202 53.75 22.87 4.19
CA HIS B 202 53.02 22.40 5.37
C HIS B 202 51.88 21.47 4.97
N ARG B 203 51.31 20.79 5.96
CA ARG B 203 50.19 19.88 5.74
C ARG B 203 49.23 19.99 6.91
N GLN B 204 47.93 19.86 6.64
CA GLN B 204 46.95 19.86 7.71
C GLN B 204 46.36 18.47 7.88
N LEU B 205 46.50 17.93 9.08
CA LEU B 205 45.99 16.60 9.38
C LEU B 205 44.57 16.66 9.92
N VAL B 206 43.70 15.80 9.39
CA VAL B 206 42.30 15.79 9.81
C VAL B 206 41.93 14.49 10.51
N CYS B 207 41.48 14.60 11.75
CA CYS B 207 41.03 13.43 12.49
C CYS B 207 39.50 13.38 12.53
N HIS B 208 38.92 12.44 11.81
CA HIS B 208 37.48 12.29 11.75
C HIS B 208 36.95 11.41 12.88
N VAL B 209 35.88 11.85 13.53
CA VAL B 209 35.20 11.04 14.54
C VAL B 209 33.70 11.02 14.25
N SER B 210 33.15 9.83 14.04
CA SER B 210 31.76 9.72 13.64
C SER B 210 31.02 8.54 14.26
N GLY B 211 29.72 8.70 14.48
CA GLY B 211 28.88 7.63 14.97
C GLY B 211 28.77 7.52 16.48
N PHE B 212 28.96 8.63 17.18
CA PHE B 212 29.00 8.57 18.64
C PHE B 212 27.83 9.29 19.31
N TYR B 213 27.55 8.90 20.54
CA TYR B 213 26.43 9.40 21.31
C TYR B 213 26.51 8.82 22.73
N PRO B 214 26.26 9.64 23.75
CA PRO B 214 25.82 11.04 23.72
C PRO B 214 26.86 12.03 23.20
N LYS B 215 26.46 13.30 23.12
CA LYS B 215 27.25 14.34 22.47
C LYS B 215 28.63 14.67 23.07
N PRO B 216 28.77 14.69 24.40
CA PRO B 216 30.09 15.06 24.92
C PRO B 216 31.21 14.11 24.48
N VAL B 217 32.29 14.69 23.95
CA VAL B 217 33.41 13.89 23.45
C VAL B 217 34.73 14.66 23.54
N TRP B 218 35.83 13.93 23.70
CA TRP B 218 37.16 14.52 23.81
C TRP B 218 38.04 14.04 22.65
N VAL B 219 38.51 14.98 21.85
CA VAL B 219 39.37 14.65 20.71
C VAL B 219 40.59 15.57 20.65
N MET B 220 41.78 14.96 20.70
CA MET B 220 43.02 15.73 20.69
C MET B 220 44.13 15.04 19.91
N TRP B 221 44.85 15.81 19.10
CA TRP B 221 46.06 15.30 18.45
C TRP B 221 47.18 15.22 19.46
N MET B 222 47.92 14.11 19.45
CA MET B 222 48.96 13.89 20.45
C MET B 222 50.24 13.26 19.88
N ARG B 223 51.38 13.71 20.40
CA ARG B 223 52.65 13.04 20.16
C ARG B 223 53.15 12.49 21.49
N GLY B 224 53.14 11.17 21.63
CA GLY B 224 53.45 10.55 22.90
C GLY B 224 52.38 10.86 23.92
N ASP B 225 52.78 11.20 25.13
CA ASP B 225 51.83 11.55 26.19
C ASP B 225 51.60 13.06 26.23
N GLN B 226 52.22 13.79 25.31
CA GLN B 226 52.08 15.24 25.27
C GLN B 226 51.05 15.69 24.23
N GLU B 227 50.04 16.42 24.69
CA GLU B 227 48.98 16.91 23.82
C GLU B 227 49.47 18.05 22.93
N GLN B 228 49.07 18.01 21.66
CA GLN B 228 49.37 19.10 20.74
C GLN B 228 48.36 20.23 20.95
N GLN B 229 48.86 21.42 21.28
CA GLN B 229 48.00 22.55 21.59
C GLN B 229 47.33 23.13 20.33
N GLY B 230 47.92 22.84 19.18
CA GLY B 230 47.41 23.36 17.92
C GLY B 230 46.17 22.67 17.40
N THR B 231 45.66 21.70 18.16
CA THR B 231 44.45 20.98 17.77
C THR B 231 43.25 21.92 17.68
N HIS B 232 42.58 21.91 16.54
CA HIS B 232 41.41 22.76 16.33
C HIS B 232 40.14 21.93 16.16
N ARG B 233 39.25 21.99 17.16
CA ARG B 233 37.99 21.27 17.10
C ARG B 233 36.99 22.00 16.19
N GLY B 234 36.18 21.23 15.49
CA GLY B 234 35.18 21.79 14.60
C GLY B 234 33.79 21.70 15.18
N ASP B 235 32.78 21.97 14.35
CA ASP B 235 31.39 21.91 14.76
C ASP B 235 30.87 20.47 14.80
N PHE B 236 29.85 20.24 15.63
CA PHE B 236 29.18 18.94 15.65
C PHE B 236 28.21 18.83 14.48
N LEU B 237 28.42 17.85 13.62
CA LEU B 237 27.55 17.64 12.46
C LEU B 237 26.71 16.37 12.64
N PRO B 238 25.39 16.50 12.53
CA PRO B 238 24.49 15.37 12.79
C PRO B 238 24.56 14.28 11.71
N ASN B 239 24.66 13.04 12.15
CA ASN B 239 24.37 11.90 11.30
C ASN B 239 22.86 11.65 11.29
N ALA B 240 22.35 11.02 10.25
CA ALA B 240 20.91 10.79 10.14
C ALA B 240 20.44 9.59 10.96
N ASP B 241 21.39 8.86 11.55
CA ASP B 241 21.07 7.69 12.38
C ASP B 241 20.97 8.05 13.87
N GLU B 242 20.92 9.36 14.15
CA GLU B 242 20.91 9.91 15.50
C GLU B 242 22.21 9.69 16.26
N THR B 243 23.31 9.94 15.56
CA THR B 243 24.64 9.98 16.16
C THR B 243 25.34 11.25 15.69
N TRP B 244 26.48 11.57 16.29
CA TRP B 244 27.19 12.80 15.97
C TRP B 244 28.47 12.58 15.18
N TYR B 245 28.83 13.57 14.37
CA TYR B 245 30.07 13.56 13.61
C TYR B 245 30.91 14.78 13.96
N LEU B 246 32.21 14.59 14.14
CA LEU B 246 33.11 15.68 14.50
C LEU B 246 34.51 15.44 13.95
N GLN B 247 35.18 16.51 13.52
CA GLN B 247 36.56 16.39 13.05
C GLN B 247 37.48 17.37 13.76
N ALA B 248 38.73 16.96 13.93
CA ALA B 248 39.74 17.81 14.56
C ALA B 248 40.95 17.95 13.64
N THR B 249 41.46 19.18 13.51
CA THR B 249 42.55 19.44 12.59
C THR B 249 43.82 19.89 13.31
N LEU B 250 44.97 19.59 12.69
CA LEU B 250 46.25 20.02 13.21
C LEU B 250 47.17 20.46 12.07
N ASP B 251 47.79 21.63 12.22
CA ASP B 251 48.71 22.13 11.22
C ASP B 251 50.15 21.78 11.58
N VAL B 252 50.80 20.98 10.73
CA VAL B 252 52.17 20.56 10.97
C VAL B 252 53.02 20.72 9.72
N GLU B 253 54.33 20.83 9.91
CA GLU B 253 55.26 20.90 8.79
C GLU B 253 55.39 19.53 8.14
N ALA B 254 55.61 19.52 6.83
CA ALA B 254 55.74 18.26 6.09
C ALA B 254 56.92 17.45 6.61
N GLY B 255 56.66 16.19 6.92
CA GLY B 255 57.69 15.30 7.45
C GLY B 255 57.56 15.09 8.95
N GLU B 256 56.79 15.97 9.59
CA GLU B 256 56.60 15.90 11.03
C GLU B 256 55.40 15.03 11.39
N GLU B 257 54.76 14.46 10.37
CA GLU B 257 53.56 13.64 10.55
C GLU B 257 53.80 12.40 11.39
N ALA B 258 54.91 11.71 11.15
CA ALA B 258 55.23 10.46 11.83
C ALA B 258 55.37 10.66 13.34
N GLY B 259 54.74 9.77 14.10
CA GLY B 259 54.77 9.85 15.56
C GLY B 259 53.50 10.42 16.14
N LEU B 260 52.76 11.16 15.31
CA LEU B 260 51.52 11.78 15.74
C LEU B 260 50.37 10.79 15.79
N ALA B 261 49.47 10.98 16.75
CA ALA B 261 48.29 10.14 16.86
C ALA B 261 47.09 10.97 17.30
N CYS B 262 45.89 10.47 17.00
CA CYS B 262 44.66 11.14 17.41
C CYS B 262 43.99 10.34 18.53
N ARG B 263 43.89 10.95 19.71
CA ARG B 263 43.27 10.27 20.84
C ARG B 263 41.82 10.72 21.02
N VAL B 264 40.94 9.76 21.28
CA VAL B 264 39.52 10.04 21.43
C VAL B 264 38.96 9.44 22.71
N LYS B 265 38.45 10.30 23.59
CA LYS B 265 37.80 9.84 24.82
C LYS B 265 36.29 9.98 24.70
N HIS B 266 35.56 8.93 25.07
CA HIS B 266 34.11 8.94 25.03
C HIS B 266 33.53 7.97 26.06
N SER B 267 32.31 8.24 26.51
CA SER B 267 31.67 7.45 27.56
C SER B 267 31.35 6.03 27.12
N SER B 268 31.26 5.82 25.81
CA SER B 268 30.90 4.53 25.25
C SER B 268 32.08 3.58 25.09
N LEU B 269 33.29 4.11 25.31
CA LEU B 269 34.51 3.38 25.00
C LEU B 269 35.00 2.52 26.17
N GLY B 270 34.23 2.48 27.25
CA GLY B 270 34.53 1.61 28.37
C GLY B 270 35.81 1.96 29.10
N GLY B 271 36.14 3.24 29.15
CA GLY B 271 37.29 3.71 29.90
C GLY B 271 38.58 3.68 29.12
N GLN B 272 38.53 3.16 27.89
CA GLN B 272 39.73 3.04 27.06
C GLN B 272 39.66 3.95 25.84
N ASP B 273 40.61 4.86 25.74
CA ASP B 273 40.64 5.83 24.66
C ASP B 273 40.97 5.18 23.32
N ILE B 274 40.42 5.76 22.25
CA ILE B 274 40.79 5.38 20.90
C ILE B 274 42.06 6.13 20.50
N ILE B 275 43.12 5.39 20.20
CA ILE B 275 44.38 6.03 19.78
C ILE B 275 44.72 5.63 18.36
N LEU B 276 44.69 6.59 17.45
CA LEU B 276 44.90 6.33 16.03
C LEU B 276 46.19 6.96 15.53
N TYR B 277 47.18 6.11 15.25
CA TYR B 277 48.49 6.58 14.77
C TYR B 277 48.46 6.93 13.29
N TRP B 278 49.34 7.84 12.89
CA TRP B 278 49.42 8.25 11.49
C TRP B 278 50.05 7.17 10.62
N SER B 279 49.37 6.82 9.53
CA SER B 279 49.78 5.75 8.63
C SER B 279 50.01 4.44 9.37
N ILE C 1 -2.78 -38.97 1.09
CA ILE C 1 -3.76 -38.76 2.15
C ILE C 1 -4.23 -37.31 2.21
N GLN C 2 -4.95 -36.97 3.27
CA GLN C 2 -5.44 -35.61 3.47
C GLN C 2 -4.58 -34.87 4.48
N LYS C 3 -4.14 -33.67 4.11
CA LYS C 3 -3.28 -32.85 4.97
C LYS C 3 -4.10 -31.82 5.74
N THR C 4 -3.83 -31.71 7.04
CA THR C 4 -4.56 -30.79 7.91
C THR C 4 -4.01 -29.36 7.83
N PRO C 5 -4.91 -28.38 7.64
CA PRO C 5 -4.55 -26.97 7.44
C PRO C 5 -3.95 -26.31 8.69
N GLN C 6 -3.01 -25.41 8.47
CA GLN C 6 -2.40 -24.63 9.55
C GLN C 6 -2.83 -23.16 9.46
N ILE C 7 -3.39 -22.63 10.54
CA ILE C 7 -3.94 -21.28 10.51
C ILE C 7 -3.07 -20.29 11.28
N GLN C 8 -2.86 -19.11 10.69
CA GLN C 8 -2.09 -18.05 11.34
C GLN C 8 -2.77 -16.70 11.16
N VAL C 9 -3.05 -16.03 12.27
CA VAL C 9 -3.70 -14.72 12.25
C VAL C 9 -2.74 -13.62 12.69
N TYR C 10 -2.69 -12.55 11.90
CA TYR C 10 -1.80 -11.42 12.18
C TYR C 10 -2.31 -10.14 11.54
N SER C 11 -1.80 -9.01 12.00
CA SER C 11 -2.25 -7.71 11.52
C SER C 11 -1.25 -7.04 10.59
N ARG C 12 -1.75 -6.31 9.61
CA ARG C 12 -0.91 -5.61 8.63
C ARG C 12 -0.13 -4.48 9.27
N HIS C 13 -0.77 -3.76 10.18
CA HIS C 13 -0.17 -2.59 10.82
C HIS C 13 -0.09 -2.79 12.33
N PRO C 14 0.75 -1.99 13.02
CA PRO C 14 0.81 -2.08 14.48
C PRO C 14 -0.56 -1.90 15.12
N PRO C 15 -0.94 -2.82 16.03
CA PRO C 15 -2.28 -2.87 16.59
C PRO C 15 -2.53 -1.88 17.72
N GLU C 16 -2.78 -0.62 17.37
CA GLU C 16 -3.16 0.37 18.37
C GLU C 16 -4.66 0.63 18.33
N ASN C 17 -5.28 0.66 19.49
CA ASN C 17 -6.73 0.74 19.60
C ASN C 17 -7.33 2.01 19.01
N GLY C 18 -8.44 1.85 18.30
CA GLY C 18 -9.14 2.99 17.71
C GLY C 18 -8.71 3.30 16.29
N LYS C 19 -7.52 2.86 15.93
CA LYS C 19 -6.99 3.10 14.59
C LYS C 19 -7.36 1.97 13.63
N PRO C 20 -7.78 2.33 12.40
CA PRO C 20 -8.15 1.35 11.37
C PRO C 20 -6.99 0.47 10.95
N ASN C 21 -7.24 -0.82 10.76
CA ASN C 21 -6.20 -1.77 10.40
C ASN C 21 -6.72 -2.89 9.50
N ILE C 22 -5.84 -3.80 9.11
CA ILE C 22 -6.21 -4.95 8.29
C ILE C 22 -5.78 -6.25 8.95
N LEU C 23 -6.72 -7.18 9.11
CA LEU C 23 -6.42 -8.45 9.75
C LEU C 23 -6.24 -9.55 8.72
N ASN C 24 -5.07 -10.18 8.74
CA ASN C 24 -4.76 -11.24 7.79
C ASN C 24 -4.97 -12.63 8.37
N CYS C 25 -5.54 -13.53 7.57
CA CYS C 25 -5.65 -14.93 7.95
C CYS C 25 -4.99 -15.81 6.89
N TYR C 26 -3.93 -16.50 7.29
CA TYR C 26 -3.09 -17.25 6.35
C TYR C 26 -3.21 -18.75 6.60
N VAL C 27 -3.84 -19.45 5.65
CA VAL C 27 -4.06 -20.89 5.79
C VAL C 27 -3.15 -21.67 4.86
N THR C 28 -2.45 -22.66 5.40
CA THR C 28 -1.44 -23.41 4.65
C THR C 28 -1.48 -24.92 4.93
N GLN C 29 -0.75 -25.67 4.10
CA GLN C 29 -0.50 -27.09 4.33
C GLN C 29 -1.77 -27.94 4.36
N PHE C 30 -2.67 -27.72 3.42
CA PHE C 30 -3.89 -28.52 3.35
C PHE C 30 -4.13 -29.10 1.96
N HIS C 31 -5.03 -30.07 1.89
CA HIS C 31 -5.35 -30.80 0.68
C HIS C 31 -6.48 -31.78 0.99
N PRO C 32 -7.49 -31.89 0.11
CA PRO C 32 -7.72 -31.26 -1.20
C PRO C 32 -7.97 -29.74 -1.12
N PRO C 33 -7.88 -29.03 -2.25
CA PRO C 33 -8.02 -27.57 -2.22
C PRO C 33 -9.47 -27.10 -2.14
N HIS C 34 -10.22 -27.65 -1.21
CA HIS C 34 -11.59 -27.21 -0.97
C HIS C 34 -11.74 -26.88 0.50
N ILE C 35 -11.96 -25.61 0.80
CA ILE C 35 -11.89 -25.15 2.17
C ILE C 35 -12.86 -24.00 2.43
N GLU C 36 -13.42 -23.96 3.64
CA GLU C 36 -14.30 -22.88 4.05
C GLU C 36 -13.62 -22.03 5.10
N ILE C 37 -13.55 -20.73 4.85
CA ILE C 37 -12.87 -19.82 5.77
C ILE C 37 -13.74 -18.63 6.13
N GLN C 38 -13.98 -18.46 7.43
CA GLN C 38 -14.73 -17.31 7.92
C GLN C 38 -13.92 -16.55 8.96
N MET C 39 -14.02 -15.23 8.93
CA MET C 39 -13.38 -14.39 9.94
C MET C 39 -14.45 -13.88 10.90
N LEU C 40 -14.15 -13.96 12.20
CA LEU C 40 -15.16 -13.71 13.22
C LEU C 40 -14.83 -12.51 14.11
N LYS C 41 -15.81 -11.63 14.27
CA LYS C 41 -15.71 -10.56 15.27
C LYS C 41 -16.69 -10.83 16.40
N ASN C 42 -16.15 -11.09 17.59
CA ASN C 42 -16.95 -11.41 18.77
C ASN C 42 -17.86 -12.62 18.55
N GLY C 43 -17.41 -13.53 17.69
CA GLY C 43 -18.14 -14.76 17.43
C GLY C 43 -19.11 -14.69 16.26
N LYS C 44 -19.26 -13.50 15.68
CA LYS C 44 -20.17 -13.32 14.56
C LYS C 44 -19.40 -13.16 13.24
N LYS C 45 -19.98 -13.67 12.16
CA LYS C 45 -19.35 -13.64 10.85
C LYS C 45 -19.26 -12.23 10.26
N ILE C 46 -18.07 -11.88 9.77
CA ILE C 46 -17.84 -10.60 9.10
C ILE C 46 -18.29 -10.66 7.64
N PRO C 47 -19.19 -9.75 7.24
CA PRO C 47 -19.80 -9.77 5.90
C PRO C 47 -18.80 -9.65 4.75
N LYS C 48 -17.85 -8.72 4.84
CA LYS C 48 -16.91 -8.50 3.75
C LYS C 48 -15.52 -9.02 4.07
N VAL C 49 -15.13 -10.11 3.41
CA VAL C 49 -13.79 -10.66 3.54
C VAL C 49 -13.22 -10.95 2.16
N GLU C 50 -12.14 -10.26 1.81
CA GLU C 50 -11.46 -10.47 0.54
C GLU C 50 -10.53 -11.66 0.65
N MET C 51 -10.39 -12.41 -0.45
CA MET C 51 -9.48 -13.55 -0.47
C MET C 51 -8.66 -13.61 -1.74
N SER C 52 -7.42 -14.06 -1.62
CA SER C 52 -6.53 -14.24 -2.75
C SER C 52 -6.93 -15.45 -3.58
N ASP C 53 -6.48 -15.48 -4.83
CA ASP C 53 -6.60 -16.69 -5.63
C ASP C 53 -5.78 -17.79 -4.96
N MET C 54 -6.39 -18.96 -4.80
CA MET C 54 -5.72 -20.07 -4.13
C MET C 54 -4.51 -20.55 -4.93
N SER C 55 -3.38 -20.71 -4.24
CA SER C 55 -2.15 -21.16 -4.88
C SER C 55 -1.60 -22.38 -4.15
N PHE C 56 -0.43 -22.85 -4.57
CA PHE C 56 0.23 -23.93 -3.85
C PHE C 56 1.75 -23.79 -3.92
N SER C 57 2.43 -24.36 -2.93
CA SER C 57 3.88 -24.30 -2.86
C SER C 57 4.52 -25.39 -3.70
N LYS C 58 5.84 -25.49 -3.63
CA LYS C 58 6.59 -26.47 -4.42
C LYS C 58 6.31 -27.90 -3.98
N ASP C 59 5.81 -28.05 -2.76
CA ASP C 59 5.48 -29.37 -2.22
C ASP C 59 4.03 -29.74 -2.53
N TRP C 60 3.38 -28.90 -3.33
CA TRP C 60 2.02 -29.09 -3.85
C TRP C 60 0.93 -28.82 -2.82
N SER C 61 1.31 -28.51 -1.59
CA SER C 61 0.33 -28.16 -0.56
C SER C 61 -0.25 -26.77 -0.83
N PHE C 62 -1.57 -26.65 -0.72
CA PHE C 62 -2.25 -25.40 -1.04
C PHE C 62 -2.15 -24.36 0.08
N TYR C 63 -2.25 -23.10 -0.31
CA TYR C 63 -2.31 -22.00 0.65
C TYR C 63 -3.20 -20.88 0.12
N ILE C 64 -3.80 -20.12 1.02
CA ILE C 64 -4.66 -19.00 0.64
C ILE C 64 -4.64 -17.92 1.72
N LEU C 65 -4.80 -16.67 1.32
CA LEU C 65 -4.78 -15.55 2.27
C LEU C 65 -6.11 -14.82 2.33
N ALA C 66 -6.72 -14.82 3.51
CA ALA C 66 -7.95 -14.09 3.76
C ALA C 66 -7.68 -12.83 4.59
N HIS C 67 -8.31 -11.72 4.22
CA HIS C 67 -8.09 -10.47 4.94
C HIS C 67 -9.34 -9.59 4.98
N THR C 68 -9.43 -8.76 6.00
CA THR C 68 -10.56 -7.84 6.15
C THR C 68 -10.18 -6.61 6.96
N GLU C 69 -10.95 -5.53 6.80
CA GLU C 69 -10.77 -4.32 7.59
C GLU C 69 -11.29 -4.52 9.01
N PHE C 70 -10.53 -4.04 9.99
CA PHE C 70 -11.00 -4.06 11.37
C PHE C 70 -10.38 -2.93 12.19
N THR C 71 -11.08 -2.49 13.23
CA THR C 71 -10.53 -1.56 14.18
C THR C 71 -10.45 -2.20 15.56
N PRO C 72 -9.23 -2.50 16.03
CA PRO C 72 -9.02 -3.20 17.29
C PRO C 72 -9.37 -2.35 18.51
N THR C 73 -10.00 -2.98 19.49
CA THR C 73 -10.29 -2.33 20.77
C THR C 73 -9.81 -3.23 21.89
N GLU C 74 -10.09 -2.86 23.14
CA GLU C 74 -9.69 -3.66 24.28
C GLU C 74 -10.62 -4.85 24.48
N THR C 75 -11.91 -4.61 24.32
CA THR C 75 -12.92 -5.66 24.53
C THR C 75 -13.08 -6.62 23.34
N ASP C 76 -13.10 -6.07 22.13
CA ASP C 76 -13.39 -6.84 20.93
C ASP C 76 -12.41 -7.98 20.68
N THR C 77 -12.95 -9.15 20.34
CA THR C 77 -12.13 -10.30 19.98
C THR C 77 -12.29 -10.66 18.50
N TYR C 78 -11.20 -11.09 17.88
CA TYR C 78 -11.22 -11.47 16.47
C TYR C 78 -10.66 -12.88 16.28
N ALA C 79 -11.32 -13.67 15.45
CA ALA C 79 -10.90 -15.05 15.23
C ALA C 79 -11.00 -15.45 13.76
N CYS C 80 -10.36 -16.58 13.44
CA CYS C 80 -10.43 -17.13 12.10
C CYS C 80 -10.85 -18.61 12.16
N ARG C 81 -12.01 -18.91 11.59
CA ARG C 81 -12.55 -20.27 11.66
C ARG C 81 -12.47 -20.96 10.31
N VAL C 82 -11.93 -22.18 10.31
CA VAL C 82 -11.69 -22.91 9.07
C VAL C 82 -12.33 -24.29 9.07
N LYS C 83 -13.14 -24.55 8.05
CA LYS C 83 -13.75 -25.87 7.86
C LYS C 83 -13.09 -26.60 6.69
N HIS C 84 -12.56 -27.79 6.98
CA HIS C 84 -11.88 -28.58 5.95
C HIS C 84 -12.18 -30.07 6.14
N ALA C 85 -12.12 -30.82 5.04
CA ALA C 85 -12.47 -32.24 5.05
C ALA C 85 -11.57 -33.09 5.95
N SER C 86 -10.35 -32.61 6.18
CA SER C 86 -9.38 -33.37 6.98
C SER C 86 -9.66 -33.27 8.47
N MET C 87 -10.57 -32.38 8.85
CA MET C 87 -10.93 -32.21 10.25
C MET C 87 -12.41 -32.45 10.49
N ALA C 88 -12.74 -33.15 11.57
CA ALA C 88 -14.12 -33.41 11.93
C ALA C 88 -14.78 -32.12 12.44
N GLU C 89 -14.12 -31.46 13.36
CA GLU C 89 -14.61 -30.23 13.96
C GLU C 89 -13.88 -29.01 13.41
N PRO C 90 -14.63 -27.96 13.03
CA PRO C 90 -14.05 -26.73 12.49
C PRO C 90 -13.04 -26.09 13.44
N LYS C 91 -11.89 -25.73 12.92
CA LYS C 91 -10.80 -25.20 13.73
C LYS C 91 -10.85 -23.67 13.80
N THR C 92 -10.81 -23.13 15.02
CA THR C 92 -10.87 -21.69 15.22
C THR C 92 -9.60 -21.18 15.90
N VAL C 93 -9.01 -20.13 15.33
CA VAL C 93 -7.82 -19.51 15.90
C VAL C 93 -8.09 -18.04 16.22
N TYR C 94 -7.85 -17.65 17.47
CA TYR C 94 -8.10 -16.29 17.92
C TYR C 94 -6.89 -15.39 17.76
N TRP C 95 -7.13 -14.17 17.31
CA TRP C 95 -6.07 -13.18 17.16
C TRP C 95 -5.52 -12.72 18.51
N ASP C 96 -4.20 -12.79 18.66
CA ASP C 96 -3.55 -12.30 19.86
C ASP C 96 -2.55 -11.20 19.48
N ARG C 97 -2.83 -9.98 19.90
CA ARG C 97 -2.02 -8.82 19.55
C ARG C 97 -0.57 -8.97 20.02
N ASP C 98 -0.40 -9.62 21.17
CA ASP C 98 0.93 -9.76 21.77
C ASP C 98 1.69 -10.95 21.20
N MET C 99 0.98 -11.83 20.50
CA MET C 99 1.61 -13.01 19.92
C MET C 99 2.38 -12.67 18.65
N ARG D 7 18.22 -11.73 -6.78
CA ARG D 7 17.52 -11.09 -7.89
C ARG D 7 17.14 -12.10 -8.96
N LEU D 8 16.29 -13.05 -8.59
CA LEU D 8 15.83 -14.07 -9.53
C LEU D 8 14.32 -13.99 -9.74
N PHE D 9 13.91 -13.91 -10.99
CA PHE D 9 12.48 -13.81 -11.32
C PHE D 9 12.04 -14.93 -12.25
N PRO D 10 11.79 -16.13 -11.69
CA PRO D 10 11.23 -17.22 -12.50
C PRO D 10 9.74 -17.02 -12.73
N LEU D 11 9.24 -17.54 -13.85
CA LEU D 11 7.80 -17.49 -14.13
C LEU D 11 7.15 -18.81 -13.78
N ARG D 12 6.25 -18.79 -12.80
CA ARG D 12 5.52 -19.99 -12.43
C ARG D 12 4.07 -19.92 -12.89
N CYS D 13 3.68 -20.83 -13.78
CA CYS D 13 2.30 -20.95 -14.21
C CYS D 13 1.66 -22.15 -13.52
N LEU D 14 0.70 -21.87 -12.64
CA LEU D 14 0.09 -22.92 -11.84
C LEU D 14 -1.31 -23.26 -12.33
N GLN D 15 -1.69 -24.52 -12.17
CA GLN D 15 -3.01 -24.97 -12.56
C GLN D 15 -3.62 -25.88 -11.50
N ILE D 16 -4.83 -25.56 -11.07
CA ILE D 16 -5.54 -26.40 -10.13
C ILE D 16 -6.82 -26.94 -10.78
N SER D 17 -6.85 -28.25 -10.99
CA SER D 17 -8.00 -28.89 -11.62
C SER D 17 -8.62 -29.91 -10.69
N SER D 18 -9.87 -29.67 -10.29
CA SER D 18 -10.57 -30.55 -9.37
C SER D 18 -11.71 -31.27 -10.05
N PHE D 19 -11.79 -32.58 -9.83
CA PHE D 19 -12.92 -33.37 -10.28
C PHE D 19 -13.58 -34.00 -9.06
N ALA D 20 -14.77 -33.54 -8.69
CA ALA D 20 -15.47 -34.08 -7.54
C ALA D 20 -16.16 -35.38 -7.91
N ASN D 21 -16.79 -35.34 -9.08
CA ASN D 21 -17.55 -36.44 -9.63
C ASN D 21 -17.74 -36.24 -11.12
N SER D 22 -18.28 -37.24 -11.82
CA SER D 22 -18.39 -37.18 -13.28
C SER D 22 -19.05 -35.87 -13.72
N SER D 23 -19.92 -35.34 -12.88
CA SER D 23 -20.67 -34.11 -13.19
C SER D 23 -19.90 -32.81 -12.93
N TRP D 24 -19.19 -32.74 -11.81
CA TRP D 24 -18.64 -31.47 -11.33
C TRP D 24 -17.11 -31.39 -11.46
N THR D 25 -16.63 -30.42 -12.24
CA THR D 25 -15.19 -30.22 -12.41
C THR D 25 -14.80 -28.74 -12.56
N ARG D 26 -13.77 -28.34 -11.84
CA ARG D 26 -13.24 -26.97 -11.94
C ARG D 26 -11.78 -26.95 -12.38
N THR D 27 -11.42 -25.95 -13.17
CA THR D 27 -10.02 -25.72 -13.52
C THR D 27 -9.68 -24.23 -13.42
N ASP D 28 -8.74 -23.90 -12.53
CA ASP D 28 -8.33 -22.51 -12.33
C ASP D 28 -6.81 -22.41 -12.41
N GLY D 29 -6.30 -21.20 -12.65
CA GLY D 29 -4.87 -21.03 -12.82
C GLY D 29 -4.30 -19.68 -12.39
N LEU D 30 -3.00 -19.68 -12.14
CA LEU D 30 -2.29 -18.48 -11.71
C LEU D 30 -0.99 -18.33 -12.49
N ALA D 31 -0.43 -17.13 -12.52
CA ALA D 31 0.91 -16.92 -13.03
C ALA D 31 1.69 -15.98 -12.13
N TRP D 32 2.81 -16.47 -11.58
CA TRP D 32 3.68 -15.66 -10.75
C TRP D 32 4.95 -15.29 -11.50
N LEU D 33 5.31 -14.00 -11.46
CA LEU D 33 6.65 -13.60 -11.84
C LEU D 33 7.38 -13.18 -10.58
N GLY D 34 8.33 -14.00 -10.15
CA GLY D 34 8.94 -13.81 -8.86
C GLY D 34 7.91 -14.01 -7.77
N GLU D 35 7.75 -13.01 -6.91
CA GLU D 35 6.78 -13.08 -5.82
C GLU D 35 5.46 -12.38 -6.17
N LEU D 36 5.39 -11.79 -7.37
CA LEU D 36 4.21 -11.04 -7.78
C LEU D 36 3.32 -11.84 -8.74
N GLN D 37 2.01 -11.81 -8.50
CA GLN D 37 1.08 -12.51 -9.38
C GLN D 37 0.68 -11.64 -10.57
N THR D 38 1.05 -12.08 -11.76
CA THR D 38 0.80 -11.30 -12.97
C THR D 38 -0.48 -11.66 -13.72
N HIS D 39 -1.09 -12.79 -13.38
CA HIS D 39 -2.24 -13.29 -14.14
C HIS D 39 -3.19 -14.13 -13.29
N SER D 40 -4.45 -14.18 -13.71
CA SER D 40 -5.46 -14.99 -13.04
C SER D 40 -6.34 -15.69 -14.08
N TRP D 41 -6.60 -16.97 -13.86
CA TRP D 41 -7.41 -17.76 -14.79
C TRP D 41 -8.55 -18.46 -14.07
N SER D 42 -9.78 -18.09 -14.40
CA SER D 42 -10.96 -18.64 -13.71
C SER D 42 -11.78 -19.57 -14.61
N ASN D 43 -12.38 -20.59 -13.99
CA ASN D 43 -13.27 -21.51 -14.69
C ASN D 43 -14.46 -20.78 -15.29
N ASP D 44 -14.86 -19.69 -14.65
CA ASP D 44 -16.01 -18.90 -15.07
C ASP D 44 -15.65 -17.98 -16.24
N SER D 45 -14.37 -17.67 -16.37
CA SER D 45 -13.91 -16.72 -17.38
C SER D 45 -13.48 -17.42 -18.66
N ASP D 46 -13.73 -16.76 -19.79
CA ASP D 46 -13.39 -17.32 -21.09
C ASP D 46 -11.95 -16.96 -21.50
N THR D 47 -11.32 -16.07 -20.72
CA THR D 47 -9.96 -15.63 -21.01
C THR D 47 -9.10 -15.54 -19.75
N VAL D 48 -7.80 -15.39 -19.94
CA VAL D 48 -6.87 -15.19 -18.83
C VAL D 48 -6.78 -13.70 -18.48
N ARG D 49 -7.05 -13.37 -17.22
CA ARG D 49 -7.08 -11.99 -16.78
C ARG D 49 -5.70 -11.47 -16.39
N SER D 50 -5.35 -10.28 -16.87
CA SER D 50 -4.07 -9.65 -16.55
C SER D 50 -4.19 -8.76 -15.31
N LEU D 51 -3.36 -9.03 -14.31
CA LEU D 51 -3.45 -8.32 -13.04
C LEU D 51 -2.59 -7.06 -12.98
N LYS D 52 -1.70 -6.89 -13.95
CA LYS D 52 -0.79 -5.75 -13.97
C LYS D 52 -0.72 -5.11 -15.36
N PRO D 53 -0.42 -3.80 -15.41
CA PRO D 53 -0.28 -3.08 -16.69
C PRO D 53 0.78 -3.69 -17.59
N TRP D 54 1.80 -4.28 -17.00
CA TRP D 54 2.90 -4.89 -17.75
C TRP D 54 2.74 -6.40 -17.96
N SER D 55 1.61 -6.95 -17.52
CA SER D 55 1.37 -8.40 -17.58
C SER D 55 1.53 -9.01 -18.98
N GLN D 56 1.26 -8.21 -20.01
CA GLN D 56 1.35 -8.68 -21.38
C GLN D 56 2.78 -8.56 -21.89
N GLY D 57 3.61 -7.82 -21.16
CA GLY D 57 4.99 -7.61 -21.53
C GLY D 57 5.13 -6.86 -22.84
N THR D 58 6.03 -7.33 -23.70
CA THR D 58 6.24 -6.70 -24.99
C THR D 58 5.46 -7.40 -26.11
N PHE D 59 4.70 -8.43 -25.75
CA PHE D 59 3.90 -9.16 -26.73
C PHE D 59 2.83 -8.27 -27.33
N SER D 60 2.59 -8.43 -28.63
CA SER D 60 1.52 -7.71 -29.30
C SER D 60 0.17 -8.31 -28.92
N ASP D 61 -0.91 -7.72 -29.42
CA ASP D 61 -2.24 -8.23 -29.13
C ASP D 61 -2.47 -9.55 -29.86
N GLN D 62 -1.90 -9.66 -31.06
CA GLN D 62 -2.01 -10.88 -31.85
C GLN D 62 -1.30 -12.05 -31.16
N GLN D 63 -0.11 -11.77 -30.61
CA GLN D 63 0.66 -12.78 -29.89
C GLN D 63 -0.11 -13.28 -28.67
N TRP D 64 -0.71 -12.33 -27.93
CA TRP D 64 -1.44 -12.67 -26.72
C TRP D 64 -2.73 -13.40 -27.02
N GLU D 65 -3.32 -13.12 -28.19
CA GLU D 65 -4.54 -13.80 -28.61
C GLU D 65 -4.23 -15.23 -29.05
N THR D 66 -3.06 -15.43 -29.66
CA THR D 66 -2.61 -16.76 -30.04
C THR D 66 -2.45 -17.63 -28.80
N LEU D 67 -1.84 -17.08 -27.76
CA LEU D 67 -1.71 -17.77 -26.49
C LEU D 67 -3.08 -18.02 -25.86
N GLN D 68 -3.93 -16.99 -25.90
CA GLN D 68 -5.27 -17.08 -25.34
C GLN D 68 -6.07 -18.22 -25.96
N HIS D 69 -5.91 -18.39 -27.27
CA HIS D 69 -6.57 -19.46 -28.01
C HIS D 69 -6.13 -20.83 -27.50
N ILE D 70 -4.81 -21.00 -27.40
CA ILE D 70 -4.22 -22.27 -26.97
C ILE D 70 -4.72 -22.70 -25.60
N PHE D 71 -4.68 -21.79 -24.64
CA PHE D 71 -5.11 -22.09 -23.28
C PHE D 71 -6.59 -22.45 -23.23
N ARG D 72 -7.39 -21.77 -24.04
CA ARG D 72 -8.82 -22.00 -24.09
C ARG D 72 -9.12 -23.41 -24.60
N VAL D 73 -8.41 -23.81 -25.65
CA VAL D 73 -8.53 -25.16 -26.20
C VAL D 73 -7.96 -26.19 -25.23
N TYR D 74 -6.85 -25.83 -24.58
CA TYR D 74 -6.18 -26.72 -23.64
C TYR D 74 -7.08 -27.14 -22.47
N ARG D 75 -7.77 -26.17 -21.88
CA ARG D 75 -8.60 -26.46 -20.71
C ARG D 75 -9.75 -27.40 -21.06
N SER D 76 -10.35 -27.21 -22.23
CA SER D 76 -11.44 -28.08 -22.68
C SER D 76 -10.97 -29.51 -22.88
N SER D 77 -9.91 -29.67 -23.65
CA SER D 77 -9.38 -31.00 -23.97
C SER D 77 -8.88 -31.73 -22.72
N PHE D 78 -8.15 -31.01 -21.88
CA PHE D 78 -7.62 -31.57 -20.64
C PHE D 78 -8.73 -32.19 -19.80
N THR D 79 -9.82 -31.46 -19.63
CA THR D 79 -10.95 -31.92 -18.82
C THR D 79 -11.62 -33.16 -19.43
N ARG D 80 -11.76 -33.16 -20.75
CA ARG D 80 -12.38 -34.30 -21.44
C ARG D 80 -11.47 -35.53 -21.39
N ASP D 81 -10.19 -35.32 -21.66
CA ASP D 81 -9.22 -36.40 -21.68
C ASP D 81 -9.09 -37.09 -20.34
N VAL D 82 -8.98 -36.30 -19.28
CA VAL D 82 -8.84 -36.84 -17.92
C VAL D 82 -10.08 -37.65 -17.52
N LYS D 83 -11.26 -37.12 -17.84
CA LYS D 83 -12.50 -37.78 -17.47
C LYS D 83 -12.65 -39.14 -18.16
N GLU D 84 -12.24 -39.20 -19.43
CA GLU D 84 -12.31 -40.46 -20.18
C GLU D 84 -11.22 -41.43 -19.75
N PHE D 85 -10.03 -40.89 -19.49
CA PHE D 85 -8.90 -41.69 -19.03
C PHE D 85 -9.21 -42.31 -17.68
N ALA D 86 -9.90 -41.57 -16.83
CA ALA D 86 -10.31 -42.07 -15.52
C ALA D 86 -11.30 -43.22 -15.68
N LYS D 87 -12.16 -43.12 -16.69
CA LYS D 87 -13.18 -44.14 -16.94
C LYS D 87 -12.55 -45.45 -17.43
N MET D 88 -11.55 -45.35 -18.28
CA MET D 88 -10.87 -46.52 -18.83
C MET D 88 -10.13 -47.31 -17.75
N LEU D 89 -9.56 -46.60 -16.79
CA LEU D 89 -8.79 -47.24 -15.72
C LEU D 89 -9.65 -47.50 -14.48
N ARG D 90 -10.91 -47.09 -14.56
CA ARG D 90 -11.82 -47.17 -13.42
C ARG D 90 -11.23 -46.50 -12.18
N LEU D 91 -10.67 -45.31 -12.36
CA LEU D 91 -10.14 -44.51 -11.26
C LEU D 91 -11.27 -43.90 -10.45
N SER D 92 -11.13 -43.94 -9.12
CA SER D 92 -12.19 -43.48 -8.22
C SER D 92 -12.11 -41.97 -7.96
N TYR D 93 -13.22 -41.28 -8.19
CA TYR D 93 -13.33 -39.87 -7.84
C TYR D 93 -13.34 -39.72 -6.32
N PRO D 94 -12.93 -38.55 -5.79
CA PRO D 94 -12.52 -37.33 -6.48
C PRO D 94 -11.11 -37.36 -7.05
N LEU D 95 -10.86 -36.53 -8.06
CA LEU D 95 -9.54 -36.42 -8.66
C LEU D 95 -8.99 -35.00 -8.49
N GLU D 96 -7.73 -34.90 -8.07
CA GLU D 96 -7.08 -33.61 -7.93
C GLU D 96 -5.79 -33.55 -8.74
N LEU D 97 -5.79 -32.69 -9.75
CA LEU D 97 -4.61 -32.53 -10.60
C LEU D 97 -4.02 -31.14 -10.47
N GLN D 98 -2.69 -31.07 -10.39
CA GLN D 98 -1.99 -29.80 -10.28
C GLN D 98 -0.88 -29.73 -11.32
N VAL D 99 -0.74 -28.58 -11.95
CA VAL D 99 0.32 -28.38 -12.93
C VAL D 99 1.17 -27.18 -12.59
N SER D 100 2.49 -27.38 -12.56
CA SER D 100 3.42 -26.28 -12.34
C SER D 100 4.38 -26.22 -13.52
N ALA D 101 4.31 -25.13 -14.27
CA ALA D 101 5.13 -24.98 -15.47
C ALA D 101 5.61 -23.55 -15.61
N GLY D 102 6.70 -23.37 -16.35
CA GLY D 102 7.24 -22.05 -16.60
C GLY D 102 8.71 -22.10 -16.93
N CYS D 103 9.38 -20.96 -16.82
CA CYS D 103 10.82 -20.91 -17.11
C CYS D 103 11.50 -19.78 -16.36
N GLU D 104 12.81 -19.69 -16.54
CA GLU D 104 13.62 -18.66 -15.89
C GLU D 104 14.71 -18.18 -16.85
N VAL D 105 14.87 -16.87 -16.96
CA VAL D 105 15.83 -16.28 -17.87
C VAL D 105 17.16 -16.00 -17.17
N HIS D 106 18.26 -16.31 -17.85
CA HIS D 106 19.60 -16.16 -17.29
C HIS D 106 20.39 -15.09 -18.03
N PRO D 107 21.37 -14.46 -17.36
CA PRO D 107 22.15 -13.34 -17.89
C PRO D 107 22.74 -13.57 -19.29
N GLY D 108 23.06 -14.81 -19.62
CA GLY D 108 23.70 -15.14 -20.88
C GLY D 108 22.76 -15.41 -22.04
N ASN D 109 21.52 -14.93 -21.93
CA ASN D 109 20.47 -15.08 -22.95
C ASN D 109 19.94 -16.52 -22.98
N ALA D 110 20.47 -17.36 -22.08
CA ALA D 110 19.99 -18.72 -21.97
C ALA D 110 18.78 -18.80 -21.05
N SER D 111 18.16 -19.97 -20.98
CA SER D 111 17.01 -20.18 -20.12
C SER D 111 16.83 -21.64 -19.75
N ASN D 112 16.16 -21.88 -18.63
CA ASN D 112 15.75 -23.23 -18.27
C ASN D 112 14.26 -23.24 -18.00
N ASN D 113 13.59 -24.34 -18.34
CA ASN D 113 12.16 -24.43 -18.09
C ASN D 113 11.77 -25.72 -17.37
N PHE D 114 10.50 -25.83 -17.04
CA PHE D 114 9.99 -27.00 -16.32
C PHE D 114 8.50 -27.20 -16.59
N PHE D 115 8.08 -28.46 -16.62
CA PHE D 115 6.66 -28.78 -16.65
C PHE D 115 6.42 -29.95 -15.70
N HIS D 116 5.62 -29.73 -14.66
CA HIS D 116 5.40 -30.76 -13.65
C HIS D 116 3.92 -31.00 -13.40
N VAL D 117 3.54 -32.26 -13.29
CA VAL D 117 2.16 -32.63 -13.01
C VAL D 117 2.09 -33.46 -11.73
N ALA D 118 1.11 -33.17 -10.90
CA ALA D 118 0.92 -33.91 -9.66
C ALA D 118 -0.50 -34.46 -9.57
N PHE D 119 -0.63 -35.69 -9.10
CA PHE D 119 -1.93 -36.32 -8.93
C PHE D 119 -2.16 -36.67 -7.47
N GLN D 120 -3.23 -36.11 -6.92
CA GLN D 120 -3.58 -36.28 -5.50
C GLN D 120 -2.45 -35.82 -4.58
N GLY D 121 -1.77 -34.75 -4.96
CA GLY D 121 -0.73 -34.16 -4.14
C GLY D 121 0.65 -34.73 -4.35
N LYS D 122 0.73 -35.87 -5.04
CA LYS D 122 2.01 -36.51 -5.29
C LYS D 122 2.45 -36.37 -6.74
N ASP D 123 3.76 -36.25 -6.97
CA ASP D 123 4.31 -36.17 -8.31
C ASP D 123 4.03 -37.45 -9.10
N ILE D 124 3.63 -37.29 -10.36
CA ILE D 124 3.43 -38.43 -11.24
C ILE D 124 4.38 -38.37 -12.44
N LEU D 125 4.26 -37.32 -13.25
CA LEU D 125 5.08 -37.19 -14.45
C LEU D 125 5.55 -35.75 -14.67
N SER D 126 6.50 -35.58 -15.58
CA SER D 126 7.03 -34.27 -15.93
C SER D 126 7.50 -34.25 -17.38
N PHE D 127 7.64 -33.06 -17.94
CA PHE D 127 8.06 -32.93 -19.34
C PHE D 127 9.53 -32.55 -19.41
N GLN D 128 10.36 -33.50 -19.84
CA GLN D 128 11.81 -33.29 -19.91
C GLN D 128 12.26 -33.33 -21.36
N GLY D 129 12.82 -32.24 -21.84
CA GLY D 129 13.31 -32.20 -23.21
C GLY D 129 12.19 -32.32 -24.21
N THR D 130 12.24 -33.36 -25.05
CA THR D 130 11.23 -33.56 -26.07
C THR D 130 10.12 -34.54 -25.68
N SER D 131 10.20 -35.12 -24.49
CA SER D 131 9.23 -36.16 -24.11
C SER D 131 8.81 -36.11 -22.64
N TRP D 132 7.70 -36.78 -22.35
CA TRP D 132 7.20 -36.92 -20.98
C TRP D 132 7.84 -38.10 -20.29
N GLU D 133 8.14 -37.96 -19.00
CA GLU D 133 8.73 -39.05 -18.23
C GLU D 133 8.11 -39.14 -16.84
N PRO D 134 7.90 -40.37 -16.35
CA PRO D 134 7.27 -40.62 -15.04
C PRO D 134 8.21 -40.40 -13.87
N THR D 135 7.64 -40.15 -12.69
CA THR D 135 8.41 -40.12 -11.46
C THR D 135 8.75 -41.56 -11.08
N GLN D 136 9.82 -41.75 -10.31
CA GLN D 136 10.28 -43.09 -9.97
C GLN D 136 9.19 -43.84 -9.19
N GLU D 137 8.55 -43.15 -8.24
CA GLU D 137 7.39 -43.73 -7.59
C GLU D 137 6.15 -43.11 -8.20
N ALA D 138 5.49 -43.88 -9.07
CA ALA D 138 4.26 -43.47 -9.71
C ALA D 138 3.43 -44.70 -9.97
N PRO D 139 2.09 -44.56 -9.94
CA PRO D 139 1.23 -45.69 -10.28
C PRO D 139 1.56 -46.21 -11.68
N LEU D 140 1.46 -47.51 -11.87
CA LEU D 140 1.88 -48.12 -13.13
C LEU D 140 1.10 -47.56 -14.33
N TRP D 141 -0.13 -47.15 -14.09
CA TRP D 141 -1.00 -46.68 -15.17
C TRP D 141 -0.57 -45.32 -15.73
N VAL D 142 0.32 -44.64 -15.04
CA VAL D 142 0.80 -43.34 -15.49
C VAL D 142 1.49 -43.48 -16.83
N ASN D 143 2.14 -44.62 -17.04
CA ASN D 143 2.85 -44.89 -18.29
C ASN D 143 1.90 -44.97 -19.49
N LEU D 144 0.64 -45.31 -19.23
CA LEU D 144 -0.38 -45.30 -20.28
C LEU D 144 -0.64 -43.89 -20.79
N ALA D 145 -0.81 -42.96 -19.85
CA ALA D 145 -1.02 -41.55 -20.19
C ALA D 145 0.19 -40.97 -20.93
N ILE D 146 1.38 -41.39 -20.50
CA ILE D 146 2.62 -40.88 -21.09
C ILE D 146 2.79 -41.42 -22.51
N GLN D 147 2.43 -42.68 -22.71
CA GLN D 147 2.54 -43.32 -24.02
C GLN D 147 1.62 -42.64 -25.03
N VAL D 148 0.49 -42.15 -24.54
CA VAL D 148 -0.44 -41.38 -25.37
C VAL D 148 0.10 -39.97 -25.64
N LEU D 149 0.56 -39.31 -24.58
CA LEU D 149 1.05 -37.94 -24.67
C LEU D 149 2.28 -37.80 -25.58
N ASN D 150 3.09 -38.86 -25.67
CA ASN D 150 4.28 -38.82 -26.49
C ASN D 150 3.97 -38.97 -27.98
N GLN D 151 2.88 -39.67 -28.28
CA GLN D 151 2.47 -39.88 -29.67
C GLN D 151 1.61 -38.72 -30.17
N ASP D 152 1.39 -37.73 -29.31
CA ASP D 152 0.65 -36.55 -29.70
C ASP D 152 1.62 -35.49 -30.21
N LYS D 153 1.60 -35.25 -31.51
CA LYS D 153 2.54 -34.33 -32.13
C LYS D 153 2.21 -32.90 -31.75
N TRP D 154 0.92 -32.57 -31.80
CA TRP D 154 0.45 -31.22 -31.50
C TRP D 154 0.79 -30.82 -30.07
N THR D 155 0.46 -31.68 -29.11
CA THR D 155 0.72 -31.39 -27.71
C THR D 155 2.21 -31.31 -27.41
N ARG D 156 2.96 -32.29 -27.90
CA ARG D 156 4.40 -32.34 -27.68
C ARG D 156 5.13 -31.11 -28.22
N GLU D 157 4.77 -30.68 -29.43
CA GLU D 157 5.45 -29.53 -30.05
C GLU D 157 4.98 -28.19 -29.50
N THR D 158 3.71 -28.11 -29.11
CA THR D 158 3.18 -26.87 -28.57
C THR D 158 3.74 -26.59 -27.18
N VAL D 159 3.86 -27.65 -26.37
CA VAL D 159 4.47 -27.52 -25.06
C VAL D 159 5.91 -27.05 -25.17
N GLN D 160 6.67 -27.61 -26.12
CA GLN D 160 8.02 -27.17 -26.40
C GLN D 160 8.04 -25.70 -26.82
N TRP D 161 7.14 -25.36 -27.74
CA TRP D 161 7.06 -24.00 -28.27
C TRP D 161 6.75 -23.00 -27.17
N LEU D 162 5.88 -23.38 -26.25
CA LEU D 162 5.56 -22.54 -25.10
C LEU D 162 6.75 -22.39 -24.17
N LEU D 163 7.30 -23.51 -23.73
CA LEU D 163 8.37 -23.51 -22.74
C LEU D 163 9.66 -22.88 -23.25
N ASN D 164 10.18 -23.41 -24.35
CA ASN D 164 11.43 -22.90 -24.90
C ASN D 164 11.31 -21.67 -25.81
N GLY D 165 10.34 -21.70 -26.71
CA GLY D 165 10.22 -20.63 -27.70
C GLY D 165 9.61 -19.34 -27.18
N THR D 166 8.48 -19.47 -26.48
CA THR D 166 7.67 -18.32 -26.11
C THR D 166 8.05 -17.74 -24.76
N CYS D 167 7.90 -18.55 -23.71
CA CYS D 167 8.11 -18.14 -22.33
C CYS D 167 9.37 -17.29 -22.06
N PRO D 168 10.53 -17.69 -22.61
CA PRO D 168 11.71 -16.85 -22.36
C PRO D 168 11.60 -15.45 -22.96
N GLN D 169 11.02 -15.35 -24.16
CA GLN D 169 10.78 -14.06 -24.79
C GLN D 169 9.72 -13.29 -24.01
N PHE D 170 8.75 -14.03 -23.48
CA PHE D 170 7.67 -13.45 -22.70
C PHE D 170 8.20 -12.87 -21.38
N VAL D 171 9.00 -13.65 -20.67
CA VAL D 171 9.58 -13.23 -19.39
C VAL D 171 10.50 -12.02 -19.56
N SER D 172 11.31 -12.04 -20.60
CA SER D 172 12.21 -10.92 -20.90
C SER D 172 11.41 -9.64 -21.08
N GLY D 173 10.25 -9.75 -21.73
CA GLY D 173 9.36 -8.62 -21.93
C GLY D 173 8.77 -8.12 -20.63
N LEU D 174 8.41 -9.05 -19.75
CA LEU D 174 7.85 -8.70 -18.45
C LEU D 174 8.88 -7.93 -17.61
N LEU D 175 10.11 -8.41 -17.64
CA LEU D 175 11.19 -7.82 -16.85
C LEU D 175 11.53 -6.42 -17.34
N GLU D 176 11.43 -6.20 -18.64
CA GLU D 176 11.75 -4.90 -19.23
C GLU D 176 10.61 -3.90 -19.02
N SER D 177 9.38 -4.36 -19.22
CA SER D 177 8.22 -3.48 -19.16
C SER D 177 7.81 -3.17 -17.72
N GLY D 178 7.93 -4.15 -16.84
CA GLY D 178 7.55 -4.00 -15.45
C GLY D 178 8.69 -3.80 -14.47
N LYS D 179 9.85 -3.34 -14.95
CA LYS D 179 11.03 -3.23 -14.10
C LYS D 179 10.83 -2.28 -12.92
N SER D 180 10.13 -1.18 -13.15
CA SER D 180 9.91 -0.17 -12.10
C SER D 180 9.24 -0.76 -10.86
N GLU D 181 8.22 -1.60 -11.05
CA GLU D 181 7.52 -2.20 -9.93
C GLU D 181 8.31 -3.37 -9.35
N LEU D 182 9.03 -4.09 -10.21
CA LEU D 182 9.84 -5.21 -9.77
C LEU D 182 11.01 -4.74 -8.91
N LYS D 183 11.43 -3.50 -9.14
CA LYS D 183 12.57 -2.91 -8.45
C LYS D 183 12.13 -2.08 -7.24
N LYS D 184 10.84 -2.11 -6.93
CA LYS D 184 10.28 -1.27 -5.86
C LYS D 184 10.88 -1.61 -4.49
N GLN D 185 10.96 -0.60 -3.64
CA GLN D 185 11.42 -0.77 -2.27
C GLN D 185 10.33 -0.33 -1.31
N GLU D 186 9.97 -1.20 -0.37
CA GLU D 186 8.94 -0.89 0.61
C GLU D 186 9.49 -0.98 2.03
N LYS D 187 9.46 0.14 2.74
CA LYS D 187 10.04 0.19 4.09
C LYS D 187 9.20 -0.57 5.11
N PRO D 188 9.86 -1.41 5.91
CA PRO D 188 9.21 -2.16 6.98
C PRO D 188 8.79 -1.28 8.16
N VAL D 189 7.89 -1.80 8.99
CA VAL D 189 7.46 -1.12 10.20
C VAL D 189 7.52 -2.12 11.35
N ALA D 190 8.15 -1.72 12.45
CA ALA D 190 8.39 -2.64 13.56
C ALA D 190 7.68 -2.24 14.83
N TRP D 191 7.27 -3.24 15.61
CA TRP D 191 6.72 -3.01 16.94
C TRP D 191 6.96 -4.23 17.84
N LEU D 192 7.02 -3.98 19.15
CA LEU D 192 7.37 -5.03 20.11
C LEU D 192 6.19 -5.44 20.98
N SER D 193 6.21 -6.69 21.42
CA SER D 193 5.20 -7.23 22.30
C SER D 193 5.81 -8.34 23.16
N SER D 194 5.14 -8.71 24.24
CA SER D 194 5.66 -9.74 25.12
C SER D 194 4.59 -10.76 25.51
N VAL D 195 4.98 -12.03 25.53
CA VAL D 195 4.09 -13.11 25.91
C VAL D 195 4.78 -14.01 26.94
N PRO D 196 4.00 -14.52 27.91
CA PRO D 196 4.55 -15.39 28.95
C PRO D 196 5.23 -16.64 28.37
N SER D 197 6.46 -16.91 28.81
CA SER D 197 7.21 -18.05 28.30
C SER D 197 6.67 -19.35 28.85
N SER D 198 6.96 -20.45 28.17
CA SER D 198 6.54 -21.76 28.62
C SER D 198 7.17 -22.12 29.96
N ALA D 199 8.44 -21.76 30.11
CA ALA D 199 9.15 -22.00 31.36
C ALA D 199 9.11 -20.78 32.29
N HIS D 200 8.54 -20.98 33.49
CA HIS D 200 8.56 -19.95 34.51
C HIS D 200 10.00 -19.74 34.98
N GLY D 201 10.37 -18.50 35.31
CA GLY D 201 9.51 -17.34 35.26
C GLY D 201 9.80 -16.45 34.07
N HIS D 202 10.37 -17.04 33.01
CA HIS D 202 10.86 -16.28 31.87
C HIS D 202 9.76 -15.61 31.05
N ARG D 203 10.18 -14.83 30.05
CA ARG D 203 9.29 -14.09 29.17
C ARG D 203 9.81 -14.16 27.74
N GLN D 204 8.91 -14.19 26.77
CA GLN D 204 9.31 -14.18 25.37
C GLN D 204 8.97 -12.86 24.71
N LEU D 205 10.00 -12.19 24.17
CA LEU D 205 9.82 -10.92 23.50
C LEU D 205 9.63 -11.13 22.00
N VAL D 206 8.64 -10.48 21.43
CA VAL D 206 8.34 -10.63 20.00
C VAL D 206 8.56 -9.34 19.23
N CYS D 207 9.45 -9.38 18.24
CA CYS D 207 9.69 -8.24 17.39
C CYS D 207 9.00 -8.43 16.04
N HIS D 208 7.94 -7.65 15.81
CA HIS D 208 7.18 -7.76 14.57
C HIS D 208 7.77 -6.87 13.49
N VAL D 209 7.90 -7.40 12.28
CA VAL D 209 8.33 -6.61 11.13
C VAL D 209 7.39 -6.84 9.96
N SER D 210 6.76 -5.77 9.46
CA SER D 210 5.74 -5.92 8.44
C SER D 210 5.77 -4.81 7.40
N GLY D 211 5.39 -5.14 6.16
CA GLY D 211 5.26 -4.16 5.10
C GLY D 211 6.51 -3.93 4.27
N PHE D 212 7.38 -4.93 4.19
CA PHE D 212 8.65 -4.75 3.50
C PHE D 212 8.77 -5.56 2.22
N TYR D 213 9.65 -5.12 1.33
CA TYR D 213 9.86 -5.70 0.02
C TYR D 213 11.04 -5.01 -0.65
N PRO D 214 11.92 -5.77 -1.32
CA PRO D 214 11.88 -7.23 -1.55
C PRO D 214 12.08 -8.09 -0.30
N LYS D 215 12.01 -9.40 -0.49
CA LYS D 215 11.96 -10.37 0.60
C LYS D 215 13.17 -10.42 1.55
N PRO D 216 14.41 -10.29 1.03
CA PRO D 216 15.56 -10.40 1.96
C PRO D 216 15.55 -9.35 3.07
N VAL D 217 15.69 -9.80 4.31
CA VAL D 217 15.67 -8.90 5.45
C VAL D 217 16.50 -9.46 6.62
N TRP D 218 17.05 -8.56 7.43
CA TRP D 218 17.87 -8.94 8.57
C TRP D 218 17.22 -8.44 9.87
N VAL D 219 16.88 -9.36 10.77
CA VAL D 219 16.24 -8.99 12.03
C VAL D 219 16.90 -9.72 13.20
N MET D 220 17.41 -8.95 14.16
CA MET D 220 18.10 -9.52 15.31
C MET D 220 17.84 -8.73 16.60
N TRP D 221 17.58 -9.45 17.68
CA TRP D 221 17.50 -8.82 19.00
C TRP D 221 18.91 -8.49 19.49
N MET D 222 19.07 -7.28 20.03
CA MET D 222 20.40 -6.83 20.43
C MET D 222 20.40 -6.07 21.75
N ARG D 223 21.45 -6.29 22.55
CA ARG D 223 21.73 -5.46 23.71
C ARG D 223 23.03 -4.71 23.47
N GLY D 224 22.93 -3.40 23.28
CA GLY D 224 24.07 -2.61 22.88
C GLY D 224 24.50 -2.98 21.47
N ASP D 225 25.80 -3.14 21.26
CA ASP D 225 26.32 -3.53 19.95
C ASP D 225 26.49 -5.05 19.85
N GLN D 226 26.12 -5.78 20.90
CA GLN D 226 26.26 -7.22 20.92
C GLN D 226 24.95 -7.94 20.57
N GLU D 227 24.99 -8.76 19.53
CA GLU D 227 23.81 -9.49 19.08
C GLU D 227 23.43 -10.60 20.04
N GLN D 228 22.14 -10.75 20.30
CA GLN D 228 21.65 -11.85 21.12
C GLN D 228 21.52 -13.10 20.25
N GLN D 229 22.23 -14.16 20.63
CA GLN D 229 22.26 -15.38 19.83
C GLN D 229 20.95 -16.17 19.94
N GLY D 230 20.19 -15.91 21.00
CA GLY D 230 18.95 -16.62 21.24
C GLY D 230 17.79 -16.18 20.36
N THR D 231 18.05 -15.24 19.46
CA THR D 231 17.04 -14.73 18.54
C THR D 231 16.52 -15.85 17.63
N HIS D 232 15.21 -16.02 17.59
CA HIS D 232 14.61 -17.04 16.74
C HIS D 232 13.78 -16.42 15.62
N ARG D 233 14.25 -16.58 14.39
CA ARG D 233 13.56 -16.08 13.22
C ARG D 233 12.38 -16.97 12.87
N GLY D 234 11.28 -16.37 12.41
CA GLY D 234 10.11 -17.13 12.04
C GLY D 234 9.92 -17.23 10.54
N ASP D 235 8.75 -17.70 10.13
CA ASP D 235 8.42 -17.83 8.71
C ASP D 235 7.96 -16.51 8.11
N PHE D 236 8.13 -16.37 6.80
CA PHE D 236 7.62 -15.22 6.07
C PHE D 236 6.13 -15.36 5.81
N LEU D 237 5.33 -14.43 6.31
CA LEU D 237 3.89 -14.44 6.12
C LEU D 237 3.47 -13.32 5.18
N PRO D 238 2.77 -13.65 4.09
CA PRO D 238 2.41 -12.66 3.09
C PRO D 238 1.34 -11.67 3.55
N ASN D 239 1.58 -10.38 3.32
CA ASN D 239 0.53 -9.37 3.37
C ASN D 239 -0.22 -9.35 2.03
N ALA D 240 -1.46 -8.87 2.05
CA ALA D 240 -2.27 -8.84 0.84
C ALA D 240 -1.96 -7.65 -0.08
N ASP D 241 -1.10 -6.76 0.40
CA ASP D 241 -0.70 -5.57 -0.36
C ASP D 241 0.59 -5.81 -1.16
N GLU D 242 1.00 -7.08 -1.23
CA GLU D 242 2.26 -7.51 -1.88
C GLU D 242 3.49 -7.04 -1.13
N THR D 243 3.45 -7.19 0.19
CA THR D 243 4.59 -6.99 1.06
C THR D 243 4.71 -8.18 2.01
N TRP D 244 5.81 -8.27 2.74
CA TRP D 244 6.05 -9.42 3.61
C TRP D 244 5.93 -9.08 5.10
N TYR D 245 5.55 -10.07 5.88
CA TYR D 245 5.48 -9.95 7.34
C TYR D 245 6.38 -11.00 7.99
N LEU D 246 7.13 -10.58 9.02
CA LEU D 246 8.03 -11.49 9.72
C LEU D 246 8.17 -11.07 11.19
N GLN D 247 8.26 -12.06 12.07
CA GLN D 247 8.49 -11.76 13.49
C GLN D 247 9.69 -12.53 14.02
N ALA D 248 10.39 -11.94 14.99
CA ALA D 248 11.53 -12.56 15.63
C ALA D 248 11.33 -12.59 17.14
N THR D 249 11.65 -13.73 17.75
CA THR D 249 11.41 -13.91 19.18
C THR D 249 12.70 -14.09 19.97
N LEU D 250 12.67 -13.68 21.23
CA LEU D 250 13.79 -13.86 22.14
C LEU D 250 13.29 -14.24 23.53
N ASP D 251 13.89 -15.29 24.10
CA ASP D 251 13.54 -15.72 25.44
C ASP D 251 14.48 -15.12 26.47
N VAL D 252 13.94 -14.32 27.39
CA VAL D 252 14.74 -13.67 28.41
C VAL D 252 14.13 -13.83 29.79
N GLU D 253 14.96 -13.69 30.83
CA GLU D 253 14.48 -13.73 32.20
C GLU D 253 13.73 -12.44 32.53
N ALA D 254 12.73 -12.56 33.39
CA ALA D 254 11.94 -11.39 33.80
C ALA D 254 12.82 -10.34 34.47
N GLY D 255 12.75 -9.11 33.98
CA GLY D 255 13.57 -8.03 34.51
C GLY D 255 14.74 -7.69 33.61
N GLU D 256 15.07 -8.59 32.70
CA GLU D 256 16.19 -8.38 31.78
C GLU D 256 15.74 -7.69 30.50
N GLU D 257 14.47 -7.34 30.42
CA GLU D 257 13.90 -6.70 29.23
C GLU D 257 14.56 -5.37 28.91
N ALA D 258 14.80 -4.57 29.95
CA ALA D 258 15.39 -3.24 29.79
C ALA D 258 16.79 -3.31 29.18
N GLY D 259 17.04 -2.46 28.20
CA GLY D 259 18.32 -2.42 27.52
C GLY D 259 18.29 -3.12 26.18
N LEU D 260 17.32 -4.00 26.00
CA LEU D 260 17.18 -4.76 24.76
C LEU D 260 16.53 -3.94 23.66
N ALA D 261 16.96 -4.19 22.43
CA ALA D 261 16.39 -3.52 21.26
C ALA D 261 16.32 -4.49 20.08
N CYS D 262 15.42 -4.21 19.14
CA CYS D 262 15.31 -5.01 17.93
C CYS D 262 15.86 -4.24 16.74
N ARG D 263 16.92 -4.76 16.13
CA ARG D 263 17.52 -4.10 14.97
C ARG D 263 17.07 -4.75 13.68
N VAL D 264 16.74 -3.90 12.69
CA VAL D 264 16.23 -4.38 11.41
C VAL D 264 17.00 -3.75 10.24
N LYS D 265 17.63 -4.61 9.43
CA LYS D 265 18.33 -4.15 8.24
C LYS D 265 17.52 -4.49 6.99
N HIS D 266 17.34 -3.51 6.12
CA HIS D 266 16.61 -3.73 4.87
C HIS D 266 17.08 -2.77 3.78
N SER D 267 16.94 -3.18 2.53
CA SER D 267 17.43 -2.40 1.39
C SER D 267 16.66 -1.09 1.20
N SER D 268 15.45 -1.03 1.76
CA SER D 268 14.61 0.14 1.61
C SER D 268 14.90 1.22 2.65
N LEU D 269 15.73 0.89 3.62
CA LEU D 269 15.96 1.76 4.76
C LEU D 269 17.09 2.76 4.54
N GLY D 270 17.65 2.76 3.34
CA GLY D 270 18.65 3.74 2.96
C GLY D 270 19.95 3.67 3.73
N GLY D 271 20.33 2.46 4.13
CA GLY D 271 21.60 2.25 4.82
C GLY D 271 21.51 2.43 6.32
N GLN D 272 20.33 2.81 6.81
CA GLN D 272 20.13 3.04 8.24
C GLN D 272 19.18 2.02 8.85
N ASP D 273 19.68 1.26 9.82
CA ASP D 273 18.88 0.21 10.44
C ASP D 273 17.79 0.79 11.33
N ILE D 274 16.69 0.06 11.44
CA ILE D 274 15.65 0.39 12.42
C ILE D 274 16.04 -0.19 13.76
N ILE D 275 16.19 0.65 14.77
CA ILE D 275 16.52 0.18 16.11
C ILE D 275 15.39 0.53 17.07
N LEU D 276 14.69 -0.48 17.54
CA LEU D 276 13.52 -0.27 18.38
C LEU D 276 13.74 -0.77 19.80
N TYR D 277 13.87 0.16 20.74
CA TYR D 277 14.13 -0.17 22.13
C TYR D 277 12.86 -0.62 22.86
N TRP D 278 13.05 -1.43 23.90
CA TRP D 278 11.93 -1.94 24.68
C TRP D 278 11.31 -0.85 25.56
N SER D 279 10.01 -0.69 25.45
CA SER D 279 9.25 0.35 26.18
C SER D 279 9.83 1.74 25.93
N GLN E 2 -23.86 15.53 39.83
CA GLN E 2 -24.48 16.80 39.44
C GLN E 2 -23.41 17.82 39.09
N LYS E 3 -23.64 18.57 38.00
CA LYS E 3 -22.66 19.53 37.51
C LYS E 3 -22.53 20.74 38.42
N VAL E 4 -23.66 21.22 38.94
CA VAL E 4 -23.66 22.33 39.88
C VAL E 4 -24.54 21.98 41.08
N THR E 5 -23.97 22.00 42.28
CA THR E 5 -24.70 21.59 43.47
C THR E 5 -24.84 22.71 44.50
N GLN E 6 -26.07 23.17 44.70
CA GLN E 6 -26.39 24.05 45.81
C GLN E 6 -27.17 23.24 46.84
N ALA E 7 -26.52 22.94 47.97
CA ALA E 7 -27.09 22.03 48.94
C ALA E 7 -28.20 22.67 49.76
N GLN E 8 -28.07 23.96 50.02
CA GLN E 8 -29.07 24.68 50.80
C GLN E 8 -30.30 24.97 49.93
N SER E 9 -31.45 24.47 50.36
CA SER E 9 -32.70 24.74 49.66
C SER E 9 -33.25 26.10 50.07
N SER E 10 -33.18 26.41 51.36
CA SER E 10 -33.73 27.64 51.90
C SER E 10 -32.88 28.19 53.04
N VAL E 11 -32.74 29.52 53.07
CA VAL E 11 -31.97 30.19 54.12
C VAL E 11 -32.67 31.48 54.55
N SER E 12 -32.79 31.67 55.86
CA SER E 12 -33.40 32.89 56.41
C SER E 12 -32.41 33.65 57.29
N MET E 13 -32.29 34.95 57.04
CA MET E 13 -31.33 35.78 57.77
C MET E 13 -31.92 37.16 58.06
N PRO E 14 -31.62 37.72 59.23
CA PRO E 14 -32.09 39.07 59.58
C PRO E 14 -31.48 40.17 58.73
N VAL E 15 -32.16 41.31 58.67
CA VAL E 15 -31.68 42.48 57.93
C VAL E 15 -30.44 43.04 58.60
N ARG E 16 -29.53 43.59 57.79
CA ARG E 16 -28.29 44.25 58.24
C ARG E 16 -27.19 43.23 58.55
N LYS E 17 -27.49 41.95 58.37
CA LYS E 17 -26.49 40.92 58.63
C LYS E 17 -26.07 40.24 57.34
N ALA E 18 -25.12 39.32 57.44
CA ALA E 18 -24.54 38.69 56.26
C ALA E 18 -24.99 37.25 56.09
N VAL E 19 -25.12 36.83 54.83
CA VAL E 19 -25.48 35.46 54.51
C VAL E 19 -24.50 34.90 53.48
N THR E 20 -24.22 33.61 53.57
CA THR E 20 -23.29 32.97 52.64
C THR E 20 -23.93 31.74 51.98
N LEU E 21 -23.95 31.73 50.66
CA LEU E 21 -24.59 30.67 49.90
C LEU E 21 -23.55 29.75 49.25
N ASN E 22 -23.66 28.45 49.52
CA ASN E 22 -22.68 27.49 49.03
C ASN E 22 -23.00 26.93 47.65
N CYS E 23 -21.97 26.78 46.82
CA CYS E 23 -22.11 26.15 45.52
C CYS E 23 -20.91 25.28 45.19
N LEU E 24 -21.17 24.03 44.82
CA LEU E 24 -20.12 23.10 44.38
C LEU E 24 -20.31 22.74 42.91
N TYR E 25 -19.21 22.71 42.16
CA TYR E 25 -19.30 22.40 40.74
C TYR E 25 -18.35 21.28 40.33
N GLU E 26 -18.66 20.65 39.20
CA GLU E 26 -17.83 19.59 38.65
C GLU E 26 -17.52 19.86 37.18
N THR E 27 -16.24 20.05 36.87
CA THR E 27 -15.81 20.24 35.49
C THR E 27 -14.42 19.67 35.27
N SER E 28 -14.20 19.10 34.10
CA SER E 28 -12.90 18.54 33.75
C SER E 28 -12.07 19.54 32.93
N TRP E 29 -12.66 20.68 32.62
CA TRP E 29 -11.96 21.71 31.86
C TRP E 29 -11.00 22.51 32.74
N TRP E 30 -9.95 23.04 32.13
CA TRP E 30 -8.96 23.83 32.85
C TRP E 30 -9.27 25.33 32.78
N SER E 31 -10.31 25.68 32.04
CA SER E 31 -10.72 27.07 31.91
C SER E 31 -12.24 27.14 31.95
N TYR E 32 -12.78 27.98 32.83
CA TYR E 32 -14.23 28.08 32.97
C TYR E 32 -14.67 29.34 33.70
N TYR E 33 -15.96 29.68 33.54
CA TYR E 33 -16.56 30.79 34.25
C TYR E 33 -17.57 30.29 35.28
N ILE E 34 -17.70 31.02 36.38
CA ILE E 34 -18.77 30.79 37.33
C ILE E 34 -19.62 32.04 37.46
N PHE E 35 -20.93 31.89 37.36
CA PHE E 35 -21.83 33.03 37.45
C PHE E 35 -22.78 32.87 38.64
N TRP E 36 -23.13 34.00 39.25
CA TRP E 36 -24.17 34.01 40.27
C TRP E 36 -25.35 34.87 39.81
N TYR E 37 -26.54 34.29 39.85
CA TYR E 37 -27.74 34.99 39.42
C TYR E 37 -28.77 35.10 40.54
N LYS E 38 -29.67 36.04 40.38
CA LYS E 38 -30.67 36.36 41.39
C LYS E 38 -32.05 36.42 40.77
N GLN E 39 -32.96 35.56 41.21
CA GLN E 39 -34.32 35.54 40.68
C GLN E 39 -35.31 36.22 41.62
N LEU E 40 -35.79 37.39 41.22
CA LEU E 40 -36.75 38.14 42.01
C LEU E 40 -38.10 37.43 42.07
N PRO E 41 -38.97 37.81 43.02
CA PRO E 41 -40.35 37.29 43.05
C PRO E 41 -41.11 37.58 41.76
N SER E 42 -40.70 38.62 41.05
CA SER E 42 -41.26 38.97 39.75
C SER E 42 -40.81 37.98 38.68
N LYS E 43 -39.95 37.04 39.08
CA LYS E 43 -39.32 36.04 38.22
C LYS E 43 -38.35 36.69 37.23
N GLU E 44 -37.82 37.85 37.61
CA GLU E 44 -36.80 38.52 36.83
C GLU E 44 -35.41 37.97 37.19
N MET E 45 -34.68 37.52 36.18
CA MET E 45 -33.37 36.90 36.41
C MET E 45 -32.25 37.94 36.25
N ILE E 46 -31.56 38.24 37.35
CA ILE E 46 -30.58 39.31 37.37
C ILE E 46 -29.16 38.81 37.63
N PHE E 47 -28.21 39.25 36.80
CA PHE E 47 -26.81 38.92 36.97
C PHE E 47 -26.20 39.65 38.17
N LEU E 48 -25.42 38.92 38.97
CA LEU E 48 -24.80 39.49 40.16
C LEU E 48 -23.30 39.65 40.00
N ILE E 49 -22.59 38.53 39.87
CA ILE E 49 -21.14 38.54 39.87
C ILE E 49 -20.56 37.37 39.06
N ARG E 50 -19.36 37.57 38.53
CA ARG E 50 -18.70 36.53 37.72
C ARG E 50 -17.36 36.15 38.32
N GLN E 51 -17.10 34.84 38.40
CA GLN E 51 -15.82 34.35 38.93
C GLN E 51 -15.06 33.55 37.89
N GLY E 52 -13.93 34.09 37.45
CA GLY E 52 -13.09 33.40 36.49
C GLY E 52 -12.31 32.29 37.16
N SER E 53 -11.97 31.26 36.39
CA SER E 53 -11.24 30.12 36.93
C SER E 53 -9.80 30.50 37.24
N ASP E 54 -9.23 31.39 36.44
CA ASP E 54 -7.85 31.83 36.64
C ASP E 54 -7.74 33.13 37.41
N GLU E 55 -8.88 33.71 37.79
CA GLU E 55 -8.88 34.99 38.48
C GLU E 55 -8.78 34.80 39.99
N GLN E 56 -8.65 35.90 40.71
CA GLN E 56 -8.74 35.89 42.16
C GLN E 56 -10.19 36.05 42.59
N ASN E 57 -10.44 35.96 43.90
CA ASN E 57 -11.79 36.10 44.44
C ASN E 57 -12.47 37.39 43.97
N ALA E 58 -13.66 37.24 43.40
CA ALA E 58 -14.36 38.34 42.78
C ALA E 58 -15.14 39.14 43.82
N LYS E 59 -15.07 40.46 43.71
CA LYS E 59 -15.80 41.33 44.62
C LYS E 59 -16.51 42.44 43.85
N SER E 60 -17.82 42.46 43.93
CA SER E 60 -18.61 43.53 43.33
C SER E 60 -19.68 44.01 44.30
N GLY E 61 -19.57 45.28 44.72
CA GLY E 61 -20.51 45.86 45.65
C GLY E 61 -20.61 45.09 46.95
N ARG E 62 -21.83 44.68 47.29
CA ARG E 62 -22.08 43.87 48.47
C ARG E 62 -21.82 42.39 48.20
N TYR E 63 -21.62 42.06 46.94
CA TYR E 63 -21.42 40.67 46.53
C TYR E 63 -19.95 40.30 46.47
N SER E 64 -19.59 39.22 47.15
CA SER E 64 -18.21 38.73 47.15
C SER E 64 -18.20 37.23 46.98
N VAL E 65 -17.19 36.73 46.26
CA VAL E 65 -17.08 35.31 45.98
C VAL E 65 -15.83 34.71 46.62
N ASN E 66 -16.01 33.64 47.38
CA ASN E 66 -14.86 32.93 47.95
C ASN E 66 -14.55 31.70 47.12
N PHE E 67 -13.47 31.78 46.36
CA PHE E 67 -13.17 30.78 45.34
C PHE E 67 -12.07 29.82 45.81
N LYS E 68 -12.45 28.57 46.01
CA LYS E 68 -11.48 27.52 46.29
C LYS E 68 -11.43 26.58 45.10
N LYS E 69 -10.35 26.68 44.32
CA LYS E 69 -10.28 25.96 43.05
C LYS E 69 -10.04 24.48 43.26
N ALA E 70 -9.30 24.15 44.32
CA ALA E 70 -9.00 22.77 44.67
C ALA E 70 -10.27 21.98 44.97
N ALA E 71 -11.09 22.52 45.86
CA ALA E 71 -12.31 21.85 46.29
C ALA E 71 -13.45 22.09 45.32
N LYS E 72 -13.18 22.88 44.28
CA LYS E 72 -14.19 23.32 43.33
C LYS E 72 -15.41 23.87 44.08
N SER E 73 -15.12 24.77 45.00
CA SER E 73 -16.14 25.40 45.84
C SER E 73 -16.16 26.90 45.62
N VAL E 74 -17.28 27.40 45.10
CA VAL E 74 -17.44 28.82 44.89
C VAL E 74 -18.69 29.31 45.62
N ALA E 75 -18.49 30.15 46.62
CA ALA E 75 -19.60 30.55 47.48
C ALA E 75 -19.82 32.05 47.49
N LEU E 76 -21.07 32.44 47.25
CA LEU E 76 -21.48 33.84 47.25
C LEU E 76 -21.74 34.30 48.67
N THR E 77 -21.34 35.53 48.98
CA THR E 77 -21.61 36.13 50.27
C THR E 77 -22.16 37.55 50.10
N ILE E 78 -23.37 37.79 50.59
CA ILE E 78 -23.98 39.10 50.54
C ILE E 78 -23.72 39.81 51.87
N SER E 79 -23.16 41.02 51.81
CA SER E 79 -22.59 41.66 52.99
C SER E 79 -23.63 42.19 53.95
N ALA E 80 -24.34 43.25 53.55
CA ALA E 80 -25.39 43.79 54.39
C ALA E 80 -26.74 43.57 53.73
N LEU E 81 -27.51 42.65 54.28
CA LEU E 81 -28.77 42.24 53.69
C LEU E 81 -29.81 43.34 53.76
N GLN E 82 -30.48 43.58 52.65
CA GLN E 82 -31.58 44.53 52.59
C GLN E 82 -32.87 43.76 52.31
N LEU E 83 -34.00 44.45 52.30
CA LEU E 83 -35.28 43.78 52.10
C LEU E 83 -35.43 43.32 50.66
N GLU E 84 -34.82 44.06 49.74
CA GLU E 84 -34.90 43.75 48.32
C GLU E 84 -33.97 42.59 47.95
N ASP E 85 -33.21 42.12 48.94
CA ASP E 85 -32.30 41.00 48.72
C ASP E 85 -33.00 39.65 48.87
N SER E 86 -34.29 39.67 49.15
CA SER E 86 -35.03 38.42 49.26
C SER E 86 -35.36 37.90 47.86
N ALA E 87 -34.79 36.74 47.54
CA ALA E 87 -34.91 36.16 46.21
C ALA E 87 -34.36 34.74 46.20
N LYS E 88 -34.39 34.11 45.03
CA LYS E 88 -33.76 32.81 44.86
C LYS E 88 -32.46 32.98 44.09
N TYR E 89 -31.36 32.57 44.70
CA TYR E 89 -30.04 32.80 44.11
C TYR E 89 -29.51 31.55 43.42
N PHE E 90 -29.02 31.73 42.19
CA PHE E 90 -28.58 30.61 41.38
C PHE E 90 -27.09 30.65 41.07
N CYS E 91 -26.42 29.52 41.29
CA CYS E 91 -25.02 29.36 40.93
C CYS E 91 -24.95 28.70 39.56
N ALA E 92 -24.12 29.26 38.67
CA ALA E 92 -24.08 28.79 37.29
C ALA E 92 -22.65 28.64 36.77
N LEU E 93 -22.44 27.70 35.87
CA LEU E 93 -21.12 27.41 35.33
C LEU E 93 -21.08 27.40 33.80
N GLY E 94 -20.43 28.39 33.20
CA GLY E 94 -20.09 28.31 31.79
C GLY E 94 -18.90 27.40 31.51
N GLU E 95 -19.11 26.36 30.71
CA GLU E 95 -18.00 25.55 30.19
C GLU E 95 -17.60 25.97 28.77
N PRO E 96 -16.33 25.79 28.42
CA PRO E 96 -15.87 26.03 27.05
C PRO E 96 -15.91 24.77 26.18
N SER E 97 -15.52 24.93 24.92
CA SER E 97 -15.24 23.81 24.04
C SER E 97 -13.80 23.94 23.59
N TYR E 98 -13.34 23.05 22.71
CA TYR E 98 -11.99 23.16 22.18
C TYR E 98 -11.83 24.39 21.30
N TRP E 99 -12.96 25.03 20.99
CA TRP E 99 -12.99 26.28 20.25
C TRP E 99 -13.05 27.51 21.15
N GLY E 100 -12.89 27.31 22.46
CA GLY E 100 -13.01 28.40 23.41
C GLY E 100 -14.42 28.65 23.91
N PHE E 101 -14.79 29.91 24.04
CA PHE E 101 -16.11 30.27 24.58
C PHE E 101 -16.98 30.96 23.53
N PRO E 102 -17.60 30.16 22.65
CA PRO E 102 -18.52 30.69 21.63
C PRO E 102 -19.76 31.30 22.27
N ARG E 103 -20.52 32.05 21.49
CA ARG E 103 -21.75 32.65 22.00
C ARG E 103 -22.89 31.63 21.93
N THR E 104 -22.55 30.42 21.51
CA THR E 104 -23.48 29.29 21.51
C THR E 104 -23.43 28.54 22.84
N THR E 105 -22.58 29.02 23.75
CA THR E 105 -22.35 28.36 25.03
C THR E 105 -23.57 28.36 25.93
N ARG E 106 -23.96 27.18 26.41
CA ARG E 106 -25.04 27.07 27.38
C ARG E 106 -24.55 27.37 28.79
N VAL E 107 -25.47 27.79 29.65
CA VAL E 107 -25.16 28.05 31.04
C VAL E 107 -25.85 27.01 31.93
N ILE E 108 -25.09 26.34 32.79
CA ILE E 108 -25.63 25.28 33.62
C ILE E 108 -25.94 25.78 35.04
N PHE E 109 -27.20 25.60 35.44
CA PHE E 109 -27.69 26.16 36.70
C PHE E 109 -27.77 25.12 37.81
N GLY E 110 -27.57 25.58 39.05
CA GLY E 110 -27.92 24.79 40.21
C GLY E 110 -29.40 24.96 40.48
N LYS E 111 -29.96 24.17 41.38
CA LYS E 111 -31.40 24.22 41.64
C LYS E 111 -31.80 25.48 42.41
N GLY E 112 -30.80 26.23 42.88
CA GLY E 112 -31.05 27.51 43.52
C GLY E 112 -31.27 27.45 45.02
N THR E 113 -31.15 28.60 45.67
CA THR E 113 -31.36 28.71 47.11
C THR E 113 -32.23 29.91 47.43
N ARG E 114 -33.35 29.68 48.10
CA ARG E 114 -34.23 30.79 48.48
C ARG E 114 -33.69 31.51 49.71
N VAL E 115 -33.48 32.82 49.58
CA VAL E 115 -33.04 33.64 50.70
C VAL E 115 -34.16 34.55 51.16
N THR E 116 -34.55 34.43 52.43
CA THR E 116 -35.58 35.27 52.99
C THR E 116 -35.00 36.22 54.03
N VAL E 117 -35.02 37.51 53.72
CA VAL E 117 -34.54 38.52 54.65
C VAL E 117 -35.67 38.95 55.58
N GLU E 118 -35.50 38.69 56.87
CA GLU E 118 -36.55 38.94 57.84
C GLU E 118 -36.35 40.24 58.61
N PRO E 119 -37.37 41.12 58.58
CA PRO E 119 -37.33 42.41 59.29
C PRO E 119 -37.21 42.25 60.80
N THR E 147 -42.90 42.02 32.86
CA THR E 147 -43.22 40.59 32.85
C THR E 147 -44.65 40.34 32.40
N LYS E 148 -44.87 39.19 31.77
CA LYS E 148 -46.18 38.84 31.23
C LYS E 148 -46.65 37.47 31.71
N SER E 149 -47.90 37.39 32.13
CA SER E 149 -48.48 36.13 32.57
C SER E 149 -49.48 35.59 31.56
N VAL E 150 -49.31 34.32 31.18
CA VAL E 150 -50.13 33.70 30.16
C VAL E 150 -50.79 32.41 30.69
N ILE E 151 -52.08 32.26 30.44
CA ILE E 151 -52.79 31.03 30.81
C ILE E 151 -53.36 30.35 29.58
N ARG E 152 -53.16 29.04 29.48
CA ARG E 152 -53.66 28.27 28.35
C ARG E 152 -54.22 26.92 28.80
N GLN E 153 -55.01 26.30 27.94
CA GLN E 153 -55.61 24.99 28.23
C GLN E 153 -54.85 23.87 27.54
N THR E 154 -54.85 22.69 28.17
CA THR E 154 -54.19 21.51 27.61
C THR E 154 -54.64 21.24 26.18
N GLY E 155 -53.66 21.08 25.28
CA GLY E 155 -53.95 20.79 23.88
C GLY E 155 -53.83 21.99 22.97
N SER E 156 -53.75 23.19 23.57
CA SER E 156 -53.62 24.42 22.79
C SER E 156 -52.16 24.78 22.58
N SER E 157 -51.91 25.99 22.09
CA SER E 157 -50.56 26.46 21.85
C SER E 157 -50.35 27.86 22.44
N ALA E 158 -49.10 28.29 22.50
CA ALA E 158 -48.78 29.61 23.05
C ALA E 158 -47.54 30.21 22.40
N GLU E 159 -47.49 31.54 22.40
CA GLU E 159 -46.33 32.26 21.88
C GLU E 159 -45.64 33.09 22.96
N ILE E 160 -44.39 32.75 23.24
CA ILE E 160 -43.58 33.53 24.17
C ILE E 160 -42.78 34.57 23.40
N THR E 161 -42.93 35.83 23.78
CA THR E 161 -42.21 36.90 23.09
C THR E 161 -40.93 37.27 23.83
N CYS E 162 -39.89 37.60 23.08
CA CYS E 162 -38.61 37.95 23.68
C CYS E 162 -38.34 39.44 23.57
N ASP E 163 -38.19 40.10 24.71
CA ASP E 163 -37.80 41.50 24.70
C ASP E 163 -36.37 41.63 25.21
N LEU E 164 -35.44 41.86 24.29
CA LEU E 164 -34.06 42.06 24.64
C LEU E 164 -33.45 43.15 23.76
N ALA E 165 -32.95 44.21 24.37
CA ALA E 165 -32.28 45.27 23.63
C ALA E 165 -30.88 44.87 23.18
N GLU E 166 -30.10 44.40 24.14
CA GLU E 166 -28.67 44.13 23.98
C GLU E 166 -28.27 42.87 24.75
N GLY E 167 -27.06 42.33 24.55
CA GLY E 167 -26.12 42.73 23.51
C GLY E 167 -26.11 42.08 22.14
N SER E 168 -26.18 40.74 22.12
CA SER E 168 -25.80 39.97 20.93
C SER E 168 -26.94 39.33 20.15
N THR E 169 -27.19 39.88 18.98
CA THR E 169 -28.21 39.36 18.07
C THR E 169 -27.78 38.04 17.40
N GLY E 170 -26.54 37.64 17.59
CA GLY E 170 -26.00 36.43 16.97
C GLY E 170 -26.72 35.13 17.30
N TYR E 171 -26.88 34.85 18.58
CA TYR E 171 -27.60 33.65 19.03
C TYR E 171 -28.58 33.99 20.14
N ILE E 172 -29.85 33.66 19.94
CA ILE E 172 -30.85 33.89 20.96
C ILE E 172 -31.22 32.58 21.65
N HIS E 173 -31.00 32.52 22.96
CA HIS E 173 -31.19 31.30 23.72
C HIS E 173 -32.52 31.33 24.47
N TRP E 174 -33.15 30.16 24.63
CA TRP E 174 -34.39 30.06 25.38
C TRP E 174 -34.25 29.11 26.57
N TYR E 175 -34.52 29.63 27.76
CA TYR E 175 -34.40 28.85 28.99
C TYR E 175 -35.76 28.62 29.64
N LEU E 176 -35.90 27.48 30.31
CA LEU E 176 -37.12 27.16 31.03
C LEU E 176 -36.83 26.89 32.50
N HIS E 177 -37.56 27.56 33.39
CA HIS E 177 -37.42 27.32 34.82
C HIS E 177 -38.72 26.81 35.43
N GLN E 178 -38.65 25.62 36.01
CA GLN E 178 -39.77 25.05 36.76
C GLN E 178 -39.37 24.91 38.21
N GLU E 179 -40.31 25.19 39.12
CA GLU E 179 -40.01 25.15 40.55
C GLU E 179 -39.60 23.74 40.98
N GLY E 180 -38.54 23.66 41.77
CA GLY E 180 -38.02 22.38 42.23
C GLY E 180 -36.86 21.90 41.36
N LYS E 181 -36.73 22.50 40.19
CA LYS E 181 -35.69 22.10 39.24
C LYS E 181 -34.78 23.27 38.89
N ALA E 182 -33.62 22.95 38.34
CA ALA E 182 -32.69 23.97 37.86
C ALA E 182 -33.08 24.42 36.46
N PRO E 183 -32.95 25.72 36.16
CA PRO E 183 -33.24 26.26 34.83
C PRO E 183 -32.47 25.55 33.72
N GLN E 184 -33.19 25.14 32.68
CA GLN E 184 -32.60 24.42 31.57
C GLN E 184 -32.71 25.22 30.28
N ARG E 185 -31.72 25.13 29.40
CA ARG E 185 -31.86 25.70 28.07
C ARG E 185 -32.63 24.73 27.19
N LEU E 186 -33.72 25.19 26.59
CA LEU E 186 -34.49 24.37 25.66
C LEU E 186 -33.82 24.32 24.30
N LEU E 187 -33.43 25.49 23.79
CA LEU E 187 -32.84 25.60 22.47
C LEU E 187 -32.22 26.98 22.25
N TYR E 188 -31.66 27.19 21.08
CA TYR E 188 -31.22 28.52 20.67
C TYR E 188 -31.36 28.69 19.17
N TYR E 189 -31.54 29.95 18.75
CA TYR E 189 -31.69 30.25 17.33
C TYR E 189 -30.38 30.74 16.74
N ASP E 190 -29.93 30.06 15.69
CA ASP E 190 -28.70 30.43 15.01
C ASP E 190 -29.05 31.35 13.84
N SER E 191 -28.65 32.61 13.94
CA SER E 191 -28.98 33.58 12.91
C SER E 191 -28.00 33.51 11.74
N TYR E 192 -26.91 32.77 11.92
CA TYR E 192 -25.93 32.56 10.86
C TYR E 192 -26.38 31.44 9.93
N THR E 193 -26.98 30.38 10.49
CA THR E 193 -27.55 29.32 9.68
C THR E 193 -29.06 29.47 9.49
N SER E 194 -29.64 30.49 10.13
CA SER E 194 -31.08 30.73 10.12
C SER E 194 -31.87 29.47 10.50
N SER E 195 -31.42 28.77 11.53
CA SER E 195 -32.07 27.55 11.97
C SER E 195 -32.13 27.44 13.49
N VAL E 196 -32.93 26.48 13.97
CA VAL E 196 -33.07 26.25 15.40
C VAL E 196 -32.24 25.05 15.84
N VAL E 197 -31.51 25.20 16.93
CA VAL E 197 -30.73 24.10 17.49
C VAL E 197 -31.31 23.63 18.82
N LEU E 198 -31.89 22.43 18.82
CA LEU E 198 -32.52 21.88 20.01
C LEU E 198 -31.52 21.15 20.90
N GLU E 199 -31.70 21.28 22.22
CA GLU E 199 -30.85 20.55 23.17
C GLU E 199 -31.15 19.06 23.12
N SER E 200 -30.18 18.26 23.55
CA SER E 200 -30.31 16.80 23.52
C SER E 200 -31.46 16.32 24.39
N GLY E 201 -32.35 15.52 23.80
CA GLY E 201 -33.45 14.93 24.54
C GLY E 201 -34.81 15.55 24.23
N ILE E 202 -34.79 16.71 23.55
CA ILE E 202 -36.03 17.41 23.23
C ILE E 202 -36.57 17.01 21.86
N SER E 203 -37.78 16.50 21.84
CA SER E 203 -38.42 16.06 20.60
C SER E 203 -38.78 17.26 19.73
N PRO E 204 -38.38 17.21 18.45
CA PRO E 204 -38.73 18.25 17.47
C PRO E 204 -40.23 18.34 17.24
N GLY E 205 -40.72 19.55 16.97
CA GLY E 205 -42.14 19.78 16.79
C GLY E 205 -42.77 20.44 18.01
N LYS E 206 -42.09 20.29 19.15
CA LYS E 206 -42.58 20.89 20.39
C LYS E 206 -42.38 22.40 20.38
N TYR E 207 -41.16 22.82 20.08
CA TYR E 207 -40.83 24.24 20.05
C TYR E 207 -40.36 24.69 18.67
N ASP E 208 -40.60 25.97 18.37
CA ASP E 208 -40.10 26.58 17.15
C ASP E 208 -40.03 28.09 17.33
N THR E 209 -39.28 28.76 16.47
CA THR E 209 -39.15 30.21 16.55
C THR E 209 -39.62 30.89 15.27
N TYR E 210 -40.14 32.11 15.41
CA TYR E 210 -40.51 32.92 14.26
C TYR E 210 -40.09 34.37 14.46
N GLY E 211 -39.29 34.89 13.55
CA GLY E 211 -38.89 36.29 13.61
C GLY E 211 -37.44 36.53 13.23
N SER E 212 -37.01 37.78 13.40
CA SER E 212 -35.63 38.16 13.13
C SER E 212 -34.89 38.38 14.44
N THR E 213 -33.63 38.77 14.36
CA THR E 213 -32.83 39.10 15.54
C THR E 213 -33.46 40.24 16.33
N ARG E 214 -34.26 41.05 15.65
CA ARG E 214 -35.02 42.13 16.28
C ARG E 214 -36.04 41.55 17.25
N LYS E 215 -36.55 42.39 18.14
CA LYS E 215 -37.38 41.95 19.26
C LYS E 215 -38.63 41.18 18.84
N ASN E 216 -38.94 41.21 17.55
CA ASN E 216 -40.08 40.48 17.00
C ASN E 216 -39.98 38.96 17.16
N LEU E 217 -38.79 38.46 17.48
CA LEU E 217 -38.60 37.01 17.64
C LEU E 217 -39.41 36.43 18.79
N ARG E 218 -40.12 35.35 18.50
CA ARG E 218 -40.91 34.66 19.51
C ARG E 218 -40.76 33.15 19.41
N MET E 219 -41.02 32.47 20.52
CA MET E 219 -40.96 31.03 20.59
C MET E 219 -42.37 30.46 20.65
N ILE E 220 -42.67 29.50 19.79
CA ILE E 220 -44.00 28.89 19.79
C ILE E 220 -43.99 27.52 20.48
N LEU E 221 -44.89 27.35 21.44
CA LEU E 221 -45.06 26.06 22.10
C LEU E 221 -46.29 25.38 21.54
N ARG E 222 -46.13 24.15 21.08
CA ARG E 222 -47.22 23.43 20.45
C ARG E 222 -47.66 22.24 21.30
N ASN E 223 -48.94 21.92 21.24
CA ASN E 223 -49.52 20.79 21.97
C ASN E 223 -49.20 20.83 23.46
N LEU E 224 -49.72 21.85 24.14
CA LEU E 224 -49.40 22.08 25.54
C LEU E 224 -49.94 21.02 26.48
N ILE E 225 -49.09 20.54 27.38
CA ILE E 225 -49.51 19.69 28.48
C ILE E 225 -49.28 20.44 29.78
N GLU E 226 -49.65 19.82 30.90
CA GLU E 226 -49.57 20.51 32.20
C GLU E 226 -48.13 20.66 32.67
N ASN E 227 -47.25 19.79 32.17
CA ASN E 227 -45.83 19.83 32.56
C ASN E 227 -45.05 20.95 31.85
N ASP E 228 -45.71 21.64 30.93
CA ASP E 228 -45.08 22.75 30.23
C ASP E 228 -45.17 24.04 31.03
N SER E 229 -45.82 23.98 32.19
CA SER E 229 -45.97 25.14 33.05
C SER E 229 -44.64 25.55 33.70
N GLY E 230 -44.34 26.84 33.65
CA GLY E 230 -43.10 27.35 34.22
C GLY E 230 -42.78 28.76 33.73
N VAL E 231 -41.55 29.18 33.95
CA VAL E 231 -41.10 30.50 33.50
C VAL E 231 -40.16 30.36 32.32
N TYR E 232 -40.44 31.09 31.24
CA TYR E 232 -39.65 31.00 30.02
C TYR E 232 -38.84 32.27 29.77
N TYR E 233 -37.52 32.12 29.69
CA TYR E 233 -36.62 33.24 29.47
C TYR E 233 -35.99 33.19 28.08
N CYS E 234 -35.82 34.36 27.48
CA CYS E 234 -34.94 34.48 26.32
C CYS E 234 -33.60 35.04 26.80
N ALA E 235 -32.50 34.57 26.23
CA ALA E 235 -31.18 34.97 26.71
C ALA E 235 -30.16 35.12 25.60
N THR E 236 -29.22 36.04 25.82
CA THR E 236 -28.09 36.25 24.90
C THR E 236 -26.84 36.61 25.69
N TRP E 237 -25.68 36.33 25.11
CA TRP E 237 -24.41 36.74 25.71
C TRP E 237 -24.17 38.22 25.45
N ASP E 238 -23.70 38.95 26.45
CA ASP E 238 -23.44 40.38 26.29
C ASP E 238 -22.17 40.60 25.48
N GLU E 239 -22.15 41.66 24.68
CA GLU E 239 -21.01 41.96 23.81
C GLU E 239 -19.81 42.50 24.59
N LYS E 240 -20.03 43.53 25.40
CA LYS E 240 -18.95 44.19 26.12
C LYS E 240 -18.29 43.30 27.18
N TYR E 241 -19.12 42.77 28.08
CA TYR E 241 -18.66 41.91 29.16
C TYR E 241 -19.23 40.51 28.92
N TYR E 242 -18.52 39.47 29.33
CA TYR E 242 -19.02 38.14 29.02
C TYR E 242 -19.88 37.62 30.16
N LYS E 243 -21.19 37.60 29.91
CA LYS E 243 -22.18 37.13 30.86
C LYS E 243 -23.46 36.83 30.09
N LYS E 244 -24.32 36.00 30.66
CA LYS E 244 -25.58 35.66 30.01
C LYS E 244 -26.67 36.62 30.49
N LEU E 245 -27.21 37.41 29.57
CA LEU E 245 -28.29 38.32 29.91
C LEU E 245 -29.66 37.69 29.66
N PHE E 246 -30.49 37.64 30.69
CA PHE E 246 -31.81 37.05 30.56
C PHE E 246 -32.87 38.14 30.45
N GLY E 247 -33.79 37.97 29.51
CA GLY E 247 -34.91 38.89 29.36
C GLY E 247 -35.94 38.69 30.44
N SER E 248 -37.00 39.48 30.41
CA SER E 248 -38.08 39.33 31.37
C SER E 248 -38.76 37.99 31.15
N GLY E 249 -38.87 37.20 32.21
CA GLY E 249 -39.48 35.89 32.11
C GLY E 249 -40.97 35.95 31.83
N THR E 250 -41.46 34.92 31.14
CA THR E 250 -42.89 34.82 30.86
C THR E 250 -43.46 33.64 31.63
N LYS E 251 -44.44 33.92 32.48
CA LYS E 251 -45.07 32.89 33.29
C LYS E 251 -46.19 32.21 32.52
N LEU E 252 -46.04 30.91 32.31
CA LEU E 252 -47.03 30.14 31.55
C LEU E 252 -47.74 29.15 32.46
N ILE E 253 -49.01 29.41 32.73
CA ILE E 253 -49.83 28.52 33.53
C ILE E 253 -50.73 27.69 32.63
N ILE E 254 -50.69 26.38 32.79
CA ILE E 254 -51.48 25.49 31.94
C ILE E 254 -52.43 24.63 32.76
N THR E 255 -53.72 24.73 32.44
CA THR E 255 -54.76 24.02 33.16
C THR E 255 -55.39 22.93 32.32
N ASP E 256 -55.87 21.87 32.98
CA ASP E 256 -56.53 20.77 32.29
C ASP E 256 -58.02 21.06 32.13
N GLN F 2 2.96 -17.60 -51.96
CA GLN F 2 2.54 -18.96 -52.25
C GLN F 2 2.90 -19.88 -51.08
N LYS F 3 1.97 -20.75 -50.70
CA LYS F 3 2.17 -21.63 -49.54
C LYS F 3 3.20 -22.72 -49.79
N VAL F 4 3.18 -23.30 -50.99
CA VAL F 4 4.17 -24.31 -51.36
C VAL F 4 4.74 -24.01 -52.74
N THR F 5 6.05 -23.85 -52.82
CA THR F 5 6.68 -23.46 -54.07
C THR F 5 7.68 -24.48 -54.60
N GLN F 6 7.34 -25.10 -55.73
CA GLN F 6 8.27 -25.91 -56.48
C GLN F 6 8.66 -25.14 -57.74
N ALA F 7 9.89 -24.64 -57.77
CA ALA F 7 10.31 -23.73 -58.83
C ALA F 7 10.59 -24.46 -60.14
N GLN F 8 11.09 -25.68 -60.04
CA GLN F 8 11.40 -26.47 -61.22
C GLN F 8 10.12 -27.03 -61.85
N SER F 9 9.87 -26.68 -63.10
CA SER F 9 8.72 -27.21 -63.82
C SER F 9 9.02 -28.60 -64.39
N SER F 10 10.22 -28.75 -64.93
CA SER F 10 10.63 -30.00 -65.56
C SER F 10 12.10 -30.31 -65.31
N VAL F 11 12.40 -31.59 -65.08
CA VAL F 11 13.77 -32.04 -64.86
C VAL F 11 14.03 -33.37 -65.57
N SER F 12 15.14 -33.45 -66.29
CA SER F 12 15.52 -34.69 -66.98
C SER F 12 16.86 -35.21 -66.47
N MET F 13 16.90 -36.50 -66.12
CA MET F 13 18.10 -37.11 -65.58
C MET F 13 18.27 -38.53 -66.10
N PRO F 14 19.53 -38.94 -66.36
CA PRO F 14 19.81 -40.30 -66.82
C PRO F 14 19.52 -41.39 -65.78
N VAL F 15 19.33 -42.61 -66.25
CA VAL F 15 19.09 -43.75 -65.38
C VAL F 15 20.35 -44.06 -64.59
N ARG F 16 20.17 -44.55 -63.37
CA ARG F 16 21.25 -44.99 -62.47
C ARG F 16 21.90 -43.82 -61.75
N LYS F 17 21.40 -42.61 -62.00
CA LYS F 17 21.92 -41.43 -61.33
C LYS F 17 20.88 -40.82 -60.40
N ALA F 18 21.28 -39.76 -59.69
CA ALA F 18 20.42 -39.16 -58.68
C ALA F 18 19.87 -37.82 -59.11
N VAL F 19 18.65 -37.52 -58.66
CA VAL F 19 18.01 -36.24 -58.95
C VAL F 19 17.49 -35.62 -57.65
N THR F 20 17.51 -34.30 -57.57
CA THR F 20 17.03 -33.60 -56.38
C THR F 20 16.00 -32.54 -56.74
N LEU F 21 14.83 -32.63 -56.10
CA LEU F 21 13.72 -31.74 -56.38
C LEU F 21 13.50 -30.75 -55.24
N ASN F 22 13.51 -29.46 -55.56
CA ASN F 22 13.40 -28.42 -54.55
C ASN F 22 11.96 -28.03 -54.22
N CYS F 23 11.71 -27.82 -52.93
CA CYS F 23 10.41 -27.33 -52.47
C CYS F 23 10.56 -26.34 -51.33
N LEU F 24 9.93 -25.17 -51.47
CA LEU F 24 9.91 -24.15 -50.43
C LEU F 24 8.49 -23.96 -49.91
N TYR F 25 8.34 -23.84 -48.59
CA TYR F 25 7.01 -23.68 -48.01
C TYR F 25 6.94 -22.47 -47.08
N GLU F 26 5.71 -21.98 -46.87
CA GLU F 26 5.48 -20.86 -45.97
C GLU F 26 4.39 -21.20 -44.96
N THR F 27 4.76 -21.22 -43.69
CA THR F 27 3.79 -21.46 -42.61
C THR F 27 4.18 -20.71 -41.35
N SER F 28 3.18 -20.20 -40.64
CA SER F 28 3.42 -19.49 -39.39
C SER F 28 3.23 -20.41 -38.18
N TRP F 29 2.85 -21.66 -38.43
CA TRP F 29 2.68 -22.64 -37.36
C TRP F 29 4.03 -23.19 -36.90
N TRP F 30 4.10 -23.62 -35.65
CA TRP F 30 5.32 -24.17 -35.09
C TRP F 30 5.34 -25.70 -35.19
N SER F 31 4.24 -26.25 -35.67
CA SER F 31 4.09 -27.68 -35.81
C SER F 31 3.42 -27.99 -37.15
N TYR F 32 3.99 -28.91 -37.92
CA TYR F 32 3.43 -29.22 -39.23
C TYR F 32 4.09 -30.43 -39.89
N TYR F 33 3.44 -30.95 -40.92
CA TYR F 33 3.95 -32.06 -41.71
C TYR F 33 4.28 -31.63 -43.13
N ILE F 34 5.29 -32.28 -43.71
CA ILE F 34 5.56 -32.13 -45.14
C ILE F 34 5.45 -33.49 -45.82
N PHE F 35 4.72 -33.54 -46.92
CA PHE F 35 4.54 -34.78 -47.66
C PHE F 35 5.10 -34.67 -49.07
N TRP F 36 5.63 -35.77 -49.58
CA TRP F 36 6.02 -35.85 -50.98
C TRP F 36 5.20 -36.92 -51.69
N TYR F 37 4.58 -36.53 -52.81
CA TYR F 37 3.74 -37.44 -53.59
C TYR F 37 4.26 -37.61 -55.00
N LYS F 38 3.82 -38.69 -55.64
CA LYS F 38 4.29 -39.06 -56.96
C LYS F 38 3.09 -39.38 -57.86
N GLN F 39 2.92 -38.61 -58.92
CA GLN F 39 1.80 -38.85 -59.84
C GLN F 39 2.26 -39.56 -61.11
N LEU F 40 1.85 -40.82 -61.24
CA LEU F 40 2.21 -41.65 -62.39
C LEU F 40 1.53 -41.15 -63.66
N PRO F 41 2.01 -41.59 -64.84
CA PRO F 41 1.33 -41.30 -66.11
C PRO F 41 -0.12 -41.79 -66.11
N SER F 42 -0.40 -42.81 -65.30
CA SER F 42 -1.76 -43.31 -65.11
C SER F 42 -2.62 -42.35 -64.29
N LYS F 43 -1.99 -41.27 -63.83
CA LYS F 43 -2.59 -40.27 -62.94
C LYS F 43 -2.88 -40.85 -61.57
N GLU F 44 -2.14 -41.88 -61.19
CA GLU F 44 -2.24 -42.46 -59.86
C GLU F 44 -1.37 -41.69 -58.88
N MET F 45 -1.96 -41.23 -57.78
CA MET F 45 -1.25 -40.42 -56.80
C MET F 45 -0.70 -41.29 -55.66
N ILE F 46 0.62 -41.38 -55.57
CA ILE F 46 1.26 -42.30 -54.62
C ILE F 46 2.08 -41.58 -53.55
N PHE F 47 1.87 -41.95 -52.30
CA PHE F 47 2.62 -41.40 -51.18
C PHE F 47 4.06 -41.90 -51.20
N LEU F 48 5.01 -40.99 -50.99
CA LEU F 48 6.42 -41.36 -50.97
C LEU F 48 7.03 -41.30 -49.57
N ILE F 49 7.08 -40.10 -49.01
CA ILE F 49 7.77 -39.90 -47.73
C ILE F 49 7.16 -38.74 -46.95
N ARG F 50 7.29 -38.79 -45.63
CA ARG F 50 6.75 -37.74 -44.76
C ARG F 50 7.86 -37.11 -43.92
N GLN F 51 7.85 -35.77 -43.84
CA GLN F 51 8.84 -35.05 -43.05
C GLN F 51 8.17 -34.24 -41.94
N GLY F 52 8.40 -34.64 -40.70
CA GLY F 52 7.87 -33.92 -39.56
C GLY F 52 8.66 -32.66 -39.31
N SER F 53 8.02 -31.65 -38.73
CA SER F 53 8.67 -30.38 -38.46
C SER F 53 9.71 -30.50 -37.34
N ASP F 54 9.41 -31.38 -36.38
CA ASP F 54 10.32 -31.59 -35.24
C ASP F 54 11.22 -32.81 -35.42
N GLU F 55 11.08 -33.51 -36.55
CA GLU F 55 11.84 -34.73 -36.75
C GLU F 55 13.21 -34.52 -37.38
N GLN F 56 13.98 -35.61 -37.48
CA GLN F 56 15.22 -35.64 -38.22
C GLN F 56 14.93 -35.78 -39.71
N ASN F 57 15.93 -35.52 -40.55
CA ASN F 57 15.77 -35.69 -42.00
C ASN F 57 15.27 -37.09 -42.32
N ALA F 58 14.19 -37.15 -43.09
CA ALA F 58 13.49 -38.41 -43.33
C ALA F 58 14.16 -39.22 -44.43
N LYS F 59 14.29 -40.52 -44.19
CA LYS F 59 14.87 -41.43 -45.18
C LYS F 59 14.03 -42.69 -45.32
N SER F 60 13.48 -42.90 -46.51
CA SER F 60 12.75 -44.13 -46.80
C SER F 60 13.17 -44.69 -48.15
N GLY F 61 13.77 -45.88 -48.13
CA GLY F 61 14.24 -46.51 -49.35
C GLY F 61 15.20 -45.65 -50.14
N ARG F 62 14.86 -45.41 -51.41
CA ARG F 62 15.65 -44.54 -52.27
C ARG F 62 15.31 -43.08 -52.05
N TYR F 63 14.25 -42.82 -51.28
CA TYR F 63 13.79 -41.46 -51.04
C TYR F 63 14.38 -40.88 -49.75
N SER F 64 14.99 -39.71 -49.87
CA SER F 64 15.57 -39.02 -48.73
C SER F 64 15.19 -37.54 -48.76
N VAL F 65 14.99 -36.97 -47.58
CA VAL F 65 14.57 -35.58 -47.45
C VAL F 65 15.65 -34.75 -46.77
N ASN F 66 16.03 -33.63 -47.39
CA ASN F 66 16.95 -32.70 -46.74
C ASN F 66 16.17 -31.52 -46.17
N PHE F 67 16.04 -31.51 -44.85
CA PHE F 67 15.15 -30.58 -44.17
C PHE F 67 15.92 -29.43 -43.54
N LYS F 68 15.74 -28.24 -44.09
CA LYS F 68 16.29 -27.04 -43.47
C LYS F 68 15.14 -26.20 -42.94
N LYS F 69 14.97 -26.20 -41.62
CA LYS F 69 13.80 -25.58 -41.01
C LYS F 69 13.89 -24.07 -41.04
N ALA F 70 15.11 -23.56 -40.95
CA ALA F 70 15.36 -22.12 -41.00
C ALA F 70 14.89 -21.52 -42.32
N ALA F 71 15.36 -22.11 -43.42
CA ALA F 71 15.03 -21.60 -44.75
C ALA F 71 13.67 -22.10 -45.21
N LYS F 72 13.03 -22.92 -44.38
CA LYS F 72 11.78 -23.59 -44.73
C LYS F 72 11.94 -24.26 -46.08
N SER F 73 13.01 -25.04 -46.21
CA SER F 73 13.34 -25.72 -47.45
C SER F 73 13.37 -27.23 -47.24
N VAL F 74 12.48 -27.92 -47.91
CA VAL F 74 12.43 -29.38 -47.86
C VAL F 74 12.54 -29.96 -49.26
N ALA F 75 13.64 -30.64 -49.54
CA ALA F 75 13.91 -31.11 -50.90
C ALA F 75 14.05 -32.62 -50.97
N LEU F 76 13.30 -33.22 -51.90
CA LEU F 76 13.35 -34.66 -52.10
C LEU F 76 14.52 -35.05 -52.98
N THR F 77 15.16 -36.16 -52.65
CA THR F 77 16.25 -36.69 -53.46
C THR F 77 16.06 -38.19 -53.70
N ILE F 78 15.94 -38.55 -54.97
CA ILE F 78 15.80 -39.95 -55.35
C ILE F 78 17.18 -40.51 -55.72
N SER F 79 17.55 -41.63 -55.10
CA SER F 79 18.93 -42.09 -55.11
C SER F 79 19.37 -42.69 -56.44
N ALA F 80 18.84 -43.86 -56.78
CA ALA F 80 19.15 -44.48 -58.06
C ALA F 80 17.92 -44.50 -58.94
N LEU F 81 17.91 -43.65 -59.96
CA LEU F 81 16.73 -43.49 -60.79
C LEU F 81 16.48 -44.73 -61.64
N GLN F 82 15.22 -45.16 -61.66
CA GLN F 82 14.80 -46.28 -62.49
C GLN F 82 13.83 -45.74 -63.54
N LEU F 83 13.37 -46.59 -64.45
CA LEU F 83 12.52 -46.11 -65.54
C LEU F 83 11.10 -45.74 -65.08
N GLU F 84 10.60 -46.45 -64.08
CA GLU F 84 9.26 -46.19 -63.57
C GLU F 84 9.26 -44.99 -62.62
N ASP F 85 10.43 -44.40 -62.40
CA ASP F 85 10.55 -43.23 -61.56
C ASP F 85 10.17 -41.97 -62.33
N SER F 86 9.81 -42.14 -63.60
CA SER F 86 9.36 -41.01 -64.39
C SER F 86 7.92 -40.69 -64.02
N ALA F 87 7.72 -39.50 -63.47
CA ALA F 87 6.42 -39.08 -62.96
C ALA F 87 6.46 -37.60 -62.60
N LYS F 88 5.35 -37.09 -62.10
CA LYS F 88 5.30 -35.73 -61.60
C LYS F 88 5.28 -35.75 -60.09
N TYR F 89 6.28 -35.13 -59.48
CA TYR F 89 6.44 -35.19 -58.02
C TYR F 89 5.89 -33.94 -57.35
N PHE F 90 5.10 -34.15 -56.31
CA PHE F 90 4.42 -33.06 -55.62
C PHE F 90 4.88 -32.89 -54.17
N CYS F 91 5.20 -31.66 -53.80
CA CYS F 91 5.51 -31.32 -52.43
C CYS F 91 4.25 -30.80 -51.75
N ALA F 92 3.96 -31.30 -50.55
CA ALA F 92 2.71 -30.96 -49.88
C ALA F 92 2.91 -30.63 -48.41
N LEU F 93 2.07 -29.75 -47.88
CA LEU F 93 2.19 -29.31 -46.49
C LEU F 93 0.88 -29.43 -45.71
N GLY F 94 0.81 -30.35 -44.76
CA GLY F 94 -0.26 -30.33 -43.77
C GLY F 94 -0.06 -29.29 -42.69
N GLU F 95 -0.99 -28.35 -42.58
CA GLU F 95 -1.05 -27.44 -41.43
C GLU F 95 -2.02 -27.93 -40.37
N PRO F 96 -1.76 -27.59 -39.10
CA PRO F 96 -2.70 -27.90 -38.02
C PRO F 96 -3.67 -26.76 -37.72
N SER F 97 -4.53 -26.99 -36.74
CA SER F 97 -5.35 -25.93 -36.16
C SER F 97 -5.02 -25.87 -34.68
N TYR F 98 -5.71 -25.01 -33.94
CA TYR F 98 -5.50 -24.96 -32.49
C TYR F 98 -6.00 -26.24 -31.82
N TRP F 99 -6.72 -27.04 -32.60
CA TRP F 99 -7.21 -28.34 -32.16
C TRP F 99 -6.29 -29.49 -32.55
N GLY F 100 -5.10 -29.17 -33.06
CA GLY F 100 -4.17 -30.18 -33.53
C GLY F 100 -4.36 -30.59 -34.99
N PHE F 101 -4.22 -31.89 -35.27
CA PHE F 101 -4.32 -32.39 -36.63
C PHE F 101 -5.54 -33.31 -36.81
N PRO F 102 -6.73 -32.72 -37.00
CA PRO F 102 -7.96 -33.47 -37.24
C PRO F 102 -7.92 -34.20 -38.58
N ARG F 103 -8.86 -35.11 -38.80
CA ARG F 103 -8.94 -35.84 -40.05
C ARG F 103 -9.68 -35.00 -41.09
N THR F 104 -10.05 -33.78 -40.70
CA THR F 104 -10.63 -32.81 -41.62
C THR F 104 -9.56 -31.97 -42.30
N THR F 105 -8.31 -32.25 -41.96
CA THR F 105 -7.17 -31.44 -42.44
C THR F 105 -6.98 -31.53 -43.95
N ARG F 106 -6.91 -30.37 -44.60
CA ARG F 106 -6.60 -30.31 -46.02
C ARG F 106 -5.10 -30.40 -46.26
N VAL F 107 -4.72 -30.85 -47.44
CA VAL F 107 -3.32 -30.93 -47.82
C VAL F 107 -3.04 -29.94 -48.95
N ILE F 108 -2.04 -29.10 -48.76
CA ILE F 108 -1.71 -28.04 -49.73
C ILE F 108 -0.57 -28.46 -50.65
N PHE F 109 -0.83 -28.45 -51.95
CA PHE F 109 0.10 -28.96 -52.95
C PHE F 109 0.89 -27.87 -53.66
N GLY F 110 2.11 -28.18 -54.05
CA GLY F 110 2.84 -27.36 -55.01
C GLY F 110 2.40 -27.74 -56.40
N LYS F 111 2.79 -26.94 -57.40
CA LYS F 111 2.34 -27.19 -58.77
C LYS F 111 3.00 -28.42 -59.39
N GLY F 112 3.99 -28.98 -58.69
CA GLY F 112 4.62 -30.22 -59.10
C GLY F 112 5.82 -30.05 -60.01
N THR F 113 6.61 -31.10 -60.13
CA THR F 113 7.79 -31.11 -60.99
C THR F 113 7.85 -32.39 -61.80
N ARG F 114 7.89 -32.25 -63.13
CA ARG F 114 7.98 -33.43 -63.99
C ARG F 114 9.40 -33.97 -64.03
N VAL F 115 9.55 -35.24 -63.68
CA VAL F 115 10.83 -35.92 -63.79
C VAL F 115 10.78 -36.98 -64.88
N THR F 116 11.64 -36.84 -65.88
CA THR F 116 11.73 -37.83 -66.96
C THR F 116 13.07 -38.54 -66.90
N VAL F 117 13.04 -39.84 -66.60
CA VAL F 117 14.26 -40.63 -66.57
C VAL F 117 14.58 -41.14 -67.96
N GLU F 118 15.73 -40.73 -68.48
CA GLU F 118 16.11 -41.01 -69.87
C GLU F 118 17.07 -42.20 -69.96
N PRO F 119 16.71 -43.19 -70.79
CA PRO F 119 17.53 -44.39 -71.00
C PRO F 119 18.91 -44.08 -71.58
N THR F 147 -8.22 -47.26 -62.86
CA THR F 147 -8.59 -45.90 -63.23
C THR F 147 -9.64 -45.90 -64.34
N LYS F 148 -10.48 -44.86 -64.35
CA LYS F 148 -11.56 -44.77 -65.32
C LYS F 148 -11.56 -43.42 -66.04
N SER F 149 -11.76 -43.45 -67.35
CA SER F 149 -11.83 -42.24 -68.15
C SER F 149 -13.26 -41.95 -68.58
N VAL F 150 -13.72 -40.73 -68.33
CA VAL F 150 -15.10 -40.35 -68.59
C VAL F 150 -15.16 -39.14 -69.52
N ILE F 151 -16.04 -39.21 -70.52
CA ILE F 151 -16.24 -38.09 -71.43
C ILE F 151 -17.68 -37.58 -71.37
N ARG F 152 -17.83 -36.26 -71.30
CA ARG F 152 -19.14 -35.62 -71.25
C ARG F 152 -19.19 -34.39 -72.13
N GLN F 153 -20.40 -33.95 -72.43
CA GLN F 153 -20.62 -32.75 -73.22
C GLN F 153 -21.02 -31.59 -72.31
N THR F 154 -20.66 -30.38 -72.71
CA THR F 154 -21.01 -29.18 -71.95
C THR F 154 -22.51 -29.13 -71.67
N GLY F 155 -22.87 -28.91 -70.41
CA GLY F 155 -24.25 -28.81 -70.01
C GLY F 155 -24.80 -30.06 -69.35
N SER F 156 -24.05 -31.16 -69.45
CA SER F 156 -24.47 -32.43 -68.85
C SER F 156 -23.90 -32.58 -67.44
N SER F 157 -24.03 -33.77 -66.88
CA SER F 157 -23.54 -34.06 -65.53
C SER F 157 -22.73 -35.36 -65.53
N ALA F 158 -22.02 -35.60 -64.43
CA ALA F 158 -21.20 -36.80 -64.30
C ALA F 158 -21.10 -37.27 -62.86
N GLU F 159 -20.87 -38.57 -62.68
CA GLU F 159 -20.70 -39.15 -61.35
C GLU F 159 -19.31 -39.76 -61.19
N ILE F 160 -18.53 -39.21 -60.27
CA ILE F 160 -17.22 -39.76 -59.94
C ILE F 160 -17.33 -40.73 -58.78
N THR F 161 -16.84 -41.96 -58.98
CA THR F 161 -16.91 -42.99 -57.94
C THR F 161 -15.59 -43.07 -57.16
N CYS F 162 -15.70 -43.34 -55.86
CA CYS F 162 -14.53 -43.43 -54.99
C CYS F 162 -14.22 -44.86 -54.59
N ASP F 163 -13.01 -45.33 -54.93
CA ASP F 163 -12.56 -46.64 -54.50
C ASP F 163 -11.44 -46.55 -53.47
N LEU F 164 -11.76 -46.85 -52.22
CA LEU F 164 -10.78 -46.86 -51.14
C LEU F 164 -11.03 -48.01 -50.17
N ALA F 165 -10.03 -48.85 -49.97
CA ALA F 165 -10.14 -49.94 -49.01
C ALA F 165 -10.11 -49.37 -47.59
N GLU F 166 -9.08 -48.58 -47.30
CA GLU F 166 -8.88 -48.00 -45.98
C GLU F 166 -8.32 -46.58 -46.16
N GLY F 167 -8.43 -45.73 -45.14
CA GLY F 167 -9.15 -45.99 -43.91
C GLY F 167 -9.56 -44.67 -43.29
N SER F 168 -10.08 -44.72 -42.06
CA SER F 168 -10.73 -43.56 -41.45
C SER F 168 -11.88 -43.08 -42.31
N THR F 169 -12.99 -43.81 -42.24
CA THR F 169 -14.18 -43.51 -43.02
C THR F 169 -14.89 -42.24 -42.54
N GLY F 170 -14.39 -41.65 -41.45
CA GLY F 170 -14.97 -40.45 -40.86
C GLY F 170 -15.12 -39.29 -41.81
N TYR F 171 -14.08 -38.97 -42.57
CA TYR F 171 -14.14 -37.88 -43.53
C TYR F 171 -13.59 -38.29 -44.90
N ILE F 172 -14.41 -38.14 -45.93
CA ILE F 172 -13.99 -38.45 -47.30
C ILE F 172 -13.74 -37.16 -48.08
N HIS F 173 -12.50 -36.99 -48.54
CA HIS F 173 -12.10 -35.75 -49.20
C HIS F 173 -12.08 -35.90 -50.71
N TRP F 174 -12.41 -34.83 -51.43
CA TRP F 174 -12.36 -34.84 -52.88
C TRP F 174 -11.41 -33.77 -53.42
N TYR F 175 -10.43 -34.21 -54.21
CA TYR F 175 -9.43 -33.31 -54.77
C TYR F 175 -9.54 -33.22 -56.29
N LEU F 176 -9.19 -32.06 -56.83
CA LEU F 176 -9.18 -31.86 -58.27
C LEU F 176 -7.79 -31.43 -58.76
N HIS F 177 -7.28 -32.13 -59.77
CA HIS F 177 -6.00 -31.74 -60.36
C HIS F 177 -6.16 -31.38 -61.83
N GLN F 178 -5.80 -30.15 -62.17
CA GLN F 178 -5.76 -29.69 -63.55
C GLN F 178 -4.33 -29.37 -63.93
N GLU F 179 -3.94 -29.71 -65.16
CA GLU F 179 -2.57 -29.51 -65.60
C GLU F 179 -2.21 -28.03 -65.58
N GLY F 180 -1.04 -27.72 -65.05
CA GLY F 180 -0.59 -26.34 -64.93
C GLY F 180 -0.85 -25.77 -63.55
N LYS F 181 -1.71 -26.45 -62.79
CA LYS F 181 -2.09 -25.99 -61.45
C LYS F 181 -1.78 -27.04 -60.39
N ALA F 182 -1.75 -26.60 -59.14
CA ALA F 182 -1.58 -27.50 -58.02
C ALA F 182 -2.92 -28.11 -57.63
N PRO F 183 -2.94 -29.40 -57.26
CA PRO F 183 -4.16 -30.08 -56.82
C PRO F 183 -4.86 -29.37 -55.67
N GLN F 184 -6.17 -29.16 -55.82
CA GLN F 184 -6.96 -28.47 -54.81
C GLN F 184 -8.03 -29.38 -54.26
N ARG F 185 -8.33 -29.23 -52.96
CA ARG F 185 -9.48 -29.92 -52.40
C ARG F 185 -10.75 -29.14 -52.72
N LEU F 186 -11.72 -29.80 -53.33
CA LEU F 186 -13.00 -29.18 -53.61
C LEU F 186 -13.88 -29.17 -52.38
N LEU F 187 -13.94 -30.31 -51.69
CA LEU F 187 -14.81 -30.47 -50.53
C LEU F 187 -14.49 -31.73 -49.76
N TYR F 188 -15.22 -31.96 -48.68
CA TYR F 188 -15.15 -33.24 -47.98
C TYR F 188 -16.50 -33.57 -47.35
N TYR F 189 -16.75 -34.86 -47.19
CA TYR F 189 -18.01 -35.32 -46.60
C TYR F 189 -17.83 -35.66 -45.13
N ASP F 190 -18.63 -35.02 -44.29
CA ASP F 190 -18.60 -35.26 -42.86
C ASP F 190 -19.63 -36.33 -42.51
N SER F 191 -19.17 -37.50 -42.10
CA SER F 191 -20.06 -38.61 -41.79
C SER F 191 -20.63 -38.49 -40.37
N TYR F 192 -20.05 -37.58 -39.59
CA TYR F 192 -20.56 -37.31 -38.25
C TYR F 192 -21.74 -36.35 -38.28
N THR F 193 -21.70 -35.36 -39.18
CA THR F 193 -22.82 -34.46 -39.37
C THR F 193 -23.69 -34.83 -40.58
N SER F 194 -23.28 -35.87 -41.31
CA SER F 194 -23.95 -36.29 -42.54
C SER F 194 -24.18 -35.14 -43.52
N SER F 195 -23.16 -34.30 -43.67
CA SER F 195 -23.26 -33.13 -44.56
C SER F 195 -21.97 -32.91 -45.35
N VAL F 196 -22.06 -32.05 -46.36
CA VAL F 196 -20.91 -31.73 -47.20
C VAL F 196 -20.32 -30.38 -46.79
N VAL F 197 -19.00 -30.32 -46.67
CA VAL F 197 -18.32 -29.07 -46.34
C VAL F 197 -17.52 -28.57 -47.55
N LEU F 198 -17.97 -27.46 -48.12
CA LEU F 198 -17.34 -26.91 -49.31
C LEU F 198 -16.17 -26.00 -48.95
N GLU F 199 -15.10 -26.06 -49.75
CA GLU F 199 -13.97 -25.17 -49.56
C GLU F 199 -14.35 -23.74 -49.89
N SER F 200 -13.60 -22.78 -49.35
CA SER F 200 -13.89 -21.37 -49.56
C SER F 200 -13.76 -20.99 -51.04
N GLY F 201 -14.81 -20.38 -51.58
CA GLY F 201 -14.79 -19.90 -52.95
C GLY F 201 -15.61 -20.73 -53.92
N ILE F 202 -16.04 -21.91 -53.49
CA ILE F 202 -16.82 -22.80 -54.34
C ILE F 202 -18.32 -22.60 -54.16
N SER F 203 -19.00 -22.25 -55.25
CA SER F 203 -20.44 -22.01 -55.24
C SER F 203 -21.21 -23.30 -55.03
N PRO F 204 -22.14 -23.30 -54.07
CA PRO F 204 -23.00 -24.47 -53.81
C PRO F 204 -23.89 -24.78 -55.00
N GLY F 205 -24.19 -26.06 -55.20
CA GLY F 205 -24.97 -26.50 -56.35
C GLY F 205 -24.10 -27.14 -57.41
N LYS F 206 -22.81 -26.82 -57.38
CA LYS F 206 -21.87 -27.38 -58.35
C LYS F 206 -21.57 -28.84 -58.05
N TYR F 207 -21.19 -29.13 -56.81
CA TYR F 207 -20.84 -30.48 -56.40
C TYR F 207 -21.74 -31.01 -55.29
N ASP F 208 -21.93 -32.33 -55.27
CA ASP F 208 -22.66 -32.99 -54.19
C ASP F 208 -22.26 -34.46 -54.09
N THR F 209 -22.58 -35.10 -52.97
CA THR F 209 -22.26 -36.50 -52.75
C THR F 209 -23.50 -37.36 -52.53
N TYR F 210 -23.39 -38.64 -52.86
CA TYR F 210 -24.47 -39.59 -52.65
C TYR F 210 -23.92 -40.92 -52.11
N GLY F 211 -24.50 -41.39 -51.01
CA GLY F 211 -24.10 -42.66 -50.41
C GLY F 211 -23.42 -42.55 -49.06
N SER F 212 -22.98 -43.70 -48.55
CA SER F 212 -22.33 -43.77 -47.23
C SER F 212 -20.82 -43.92 -47.34
N THR F 213 -20.18 -44.06 -46.18
CA THR F 213 -18.73 -44.25 -46.09
C THR F 213 -18.22 -45.47 -46.86
N ARG F 214 -19.10 -46.42 -47.11
CA ARG F 214 -18.77 -47.59 -47.93
C ARG F 214 -18.49 -47.12 -49.36
N LYS F 215 -17.82 -47.97 -50.13
CA LYS F 215 -17.28 -47.57 -51.45
C LYS F 215 -18.36 -47.07 -52.41
N ASN F 216 -19.62 -47.27 -52.06
CA ASN F 216 -20.75 -46.79 -52.85
C ASN F 216 -20.82 -45.27 -52.99
N LEU F 217 -20.08 -44.54 -52.15
CA LEU F 217 -20.09 -43.08 -52.19
C LEU F 217 -19.54 -42.53 -53.50
N ARG F 218 -20.28 -41.62 -54.11
CA ARG F 218 -19.86 -41.00 -55.36
C ARG F 218 -20.12 -39.50 -55.35
N MET F 219 -19.36 -38.78 -56.16
CA MET F 219 -19.50 -37.33 -56.27
C MET F 219 -20.17 -36.96 -57.60
N ILE F 220 -21.22 -36.15 -57.54
CA ILE F 220 -21.90 -35.73 -58.75
C ILE F 220 -21.51 -34.29 -59.14
N LEU F 221 -21.13 -34.13 -60.40
CA LEU F 221 -20.82 -32.81 -60.95
C LEU F 221 -21.97 -32.32 -61.81
N ARG F 222 -22.46 -31.11 -61.53
CA ARG F 222 -23.62 -30.57 -62.24
C ARG F 222 -23.23 -29.39 -63.13
N ASN F 223 -23.94 -29.25 -64.25
CA ASN F 223 -23.72 -28.16 -65.21
C ASN F 223 -22.27 -28.09 -65.67
N LEU F 224 -21.81 -29.12 -66.35
CA LEU F 224 -20.41 -29.23 -66.74
C LEU F 224 -20.01 -28.18 -67.76
N ILE F 225 -18.89 -27.51 -67.49
CA ILE F 225 -18.26 -26.62 -68.48
C ILE F 225 -16.91 -27.20 -68.86
N GLU F 226 -16.21 -26.53 -69.77
CA GLU F 226 -14.95 -27.06 -70.27
C GLU F 226 -13.84 -26.96 -69.23
N ASN F 227 -14.00 -26.03 -68.28
CA ASN F 227 -13.02 -25.84 -67.21
C ASN F 227 -13.12 -26.88 -66.11
N ASP F 228 -14.12 -27.76 -66.18
CA ASP F 228 -14.26 -28.82 -65.20
C ASP F 228 -13.40 -30.04 -65.56
N SER F 229 -12.72 -29.96 -66.69
CA SER F 229 -11.86 -31.05 -67.14
C SER F 229 -10.63 -31.20 -66.27
N GLY F 230 -10.34 -32.43 -65.88
CA GLY F 230 -9.19 -32.72 -65.03
C GLY F 230 -9.26 -34.09 -64.40
N VAL F 231 -8.40 -34.32 -63.40
CA VAL F 231 -8.39 -35.59 -62.68
C VAL F 231 -8.99 -35.39 -61.28
N TYR F 232 -9.96 -36.24 -60.94
CA TYR F 232 -10.66 -36.12 -59.66
C TYR F 232 -10.31 -37.26 -58.72
N TYR F 233 -9.77 -36.92 -57.56
CA TYR F 233 -9.37 -37.91 -56.56
C TYR F 233 -10.29 -37.89 -55.36
N CYS F 234 -10.56 -39.07 -54.79
CA CYS F 234 -11.13 -39.15 -53.46
C CYS F 234 -9.98 -39.45 -52.51
N ALA F 235 -10.02 -38.86 -51.32
CA ALA F 235 -8.90 -39.00 -50.40
C ALA F 235 -9.36 -39.12 -48.96
N THR F 236 -8.58 -39.85 -48.17
CA THR F 236 -8.84 -39.99 -46.74
C THR F 236 -7.52 -40.11 -45.97
N TRP F 237 -7.55 -39.73 -44.69
CA TRP F 237 -6.38 -39.90 -43.84
C TRP F 237 -6.28 -41.34 -43.36
N ASP F 238 -5.06 -41.89 -43.38
CA ASP F 238 -4.85 -43.27 -42.95
C ASP F 238 -4.92 -43.40 -41.43
N GLU F 239 -5.42 -44.53 -40.95
CA GLU F 239 -5.58 -44.76 -39.52
C GLU F 239 -4.26 -45.01 -38.79
N LYS F 240 -3.49 -45.96 -39.29
CA LYS F 240 -2.25 -46.37 -38.63
C LYS F 240 -1.17 -45.28 -38.65
N TYR F 241 -0.86 -44.80 -39.84
CA TYR F 241 0.17 -43.78 -40.05
C TYR F 241 -0.52 -42.52 -40.55
N TYR F 242 0.02 -41.35 -40.24
CA TYR F 242 -0.68 -40.13 -40.63
C TYR F 242 -0.19 -39.67 -41.98
N LYS F 243 -1.03 -39.87 -42.99
CA LYS F 243 -0.75 -39.48 -44.36
C LYS F 243 -2.07 -39.44 -45.12
N LYS F 244 -2.10 -38.71 -46.22
CA LYS F 244 -3.32 -38.61 -47.02
C LYS F 244 -3.30 -39.67 -48.11
N LEU F 245 -4.25 -40.60 -48.06
CA LEU F 245 -4.34 -41.65 -49.07
C LEU F 245 -5.28 -41.23 -50.21
N PHE F 246 -4.77 -41.27 -51.43
CA PHE F 246 -5.55 -40.88 -52.60
C PHE F 246 -6.01 -42.11 -53.39
N GLY F 247 -7.25 -42.06 -53.88
CA GLY F 247 -7.80 -43.11 -54.71
C GLY F 247 -7.17 -43.11 -56.10
N SER F 248 -7.65 -44.01 -56.94
CA SER F 248 -7.11 -44.16 -58.30
C SER F 248 -7.32 -42.90 -59.15
N GLY F 249 -8.41 -42.20 -58.91
CA GLY F 249 -8.71 -40.97 -59.62
C GLY F 249 -9.46 -41.19 -60.93
N THR F 250 -10.29 -40.22 -61.28
CA THR F 250 -11.07 -40.27 -62.51
C THR F 250 -10.69 -39.16 -63.48
N LYS F 251 -10.32 -39.52 -64.70
CA LYS F 251 -10.01 -38.52 -65.72
C LYS F 251 -11.29 -38.09 -66.43
N LEU F 252 -11.62 -36.81 -66.32
CA LEU F 252 -12.85 -36.30 -66.89
C LEU F 252 -12.58 -35.32 -68.04
N ILE F 253 -12.90 -35.75 -69.26
CA ILE F 253 -12.74 -34.92 -70.44
C ILE F 253 -14.09 -34.32 -70.85
N ILE F 254 -14.13 -33.00 -71.01
CA ILE F 254 -15.37 -32.33 -71.35
C ILE F 254 -15.24 -31.54 -72.65
N THR F 255 -16.12 -31.84 -73.60
CA THR F 255 -16.10 -31.21 -74.92
C THR F 255 -17.29 -30.30 -75.13
N ASP F 256 -17.11 -29.26 -75.93
CA ASP F 256 -18.19 -28.33 -76.24
C ASP F 256 -19.01 -28.83 -77.43
#